data_4BXF
#
_entry.id   4BXF
#
_cell.length_a   70.340
_cell.length_b   88.390
_cell.length_c   167.180
_cell.angle_alpha   90.00
_cell.angle_beta   90.00
_cell.angle_gamma   90.00
#
_symmetry.space_group_name_H-M   'P 21 21 21'
#
loop_
_entity.id
_entity.type
_entity.pdbx_description
1 polymer 'BIFUNCTIONAL LYSINE-SPECIFIC DEMETHYLASE AND HISTIDYL-HYDROXYLASE MINA'
2 polymer '60S RIBOSOMAL PROTEIN L27A'
3 non-polymer 'MANGANESE (II) ION'
4 non-polymer '2-OXOGLUTARIC ACID'
5 water water
#
loop_
_entity_poly.entity_id
_entity_poly.type
_entity_poly.pdbx_seq_one_letter_code
_entity_poly.pdbx_strand_id
1 'polypeptide(L)'
;SMAAGGPSALNFDSPSSLFESLISPIKTETFFKEFWEQKPLLIQRDDPALATYYGSLFKLTDLKSLCSRGMYYGRDVNVC
RCVNGKKKVLNKDGKAHFLQLRKDFDQKRATIQFHQPQRFKDELWRIQEKLECYFGSLVGSNVYITPAGSQGLPPHYDDV
EVFILQLEGEKHWRLYHPTVPLARECSVEAEERIGRPVHEFMLKPGDLLYFPRGTIHQADTPAGLAHSTHVTISTYQNNS
WGDFLLDTISGLVFDTAKEDVELRTGIPRQLLLQVESTTVATRRLSGFLRTLADRLEGTKELLSSDMKKDFIMHRLPPYS
AGDGAELSTPGGKLPRLDSVVRLQFKDHIVLTVLPDQDQSDEAQEKMVYIYHSLKNSRETHMMGNEEETEFHGLRFPLSH
LDALKQIWNSPAISVKDLKLTTDEEKESLVLSLWTECLIQVV
;
A,B
2 'polypeptide(L)' RGNAGCLHHHRINFDKYHP C,D
#
loop_
_chem_comp.id
_chem_comp.type
_chem_comp.name
_chem_comp.formula
AKG non-polymer '2-OXOGLUTARIC ACID' 'C5 H6 O5'
MN non-polymer 'MANGANESE (II) ION' 'Mn 2'
#
# COMPACT_ATOMS: atom_id res chain seq x y z
N PRO A 7 -6.58 -43.37 -19.09
CA PRO A 7 -8.04 -43.16 -19.23
C PRO A 7 -8.45 -41.76 -18.79
N SER A 8 -7.91 -41.31 -17.67
CA SER A 8 -8.21 -39.98 -17.14
C SER A 8 -7.37 -38.94 -17.88
N ALA A 9 -8.05 -37.96 -18.49
CA ALA A 9 -7.38 -36.91 -19.25
C ALA A 9 -6.19 -36.29 -18.52
N LEU A 10 -6.44 -35.73 -17.34
CA LEU A 10 -5.39 -35.11 -16.55
C LEU A 10 -5.05 -35.94 -15.33
N ASN A 11 -3.80 -35.91 -14.92
CA ASN A 11 -3.35 -36.66 -13.76
C ASN A 11 -3.39 -35.79 -12.51
N PHE A 12 -4.36 -36.05 -11.64
CA PHE A 12 -4.50 -35.28 -10.40
C PHE A 12 -3.79 -35.88 -9.20
N ASP A 13 -2.79 -36.75 -9.43
CA ASP A 13 -2.05 -37.36 -8.34
C ASP A 13 -1.30 -36.30 -7.53
N SER A 14 -0.70 -35.32 -8.21
CA SER A 14 0.02 -34.25 -7.55
C SER A 14 0.05 -32.98 -8.40
N PRO A 15 0.43 -31.85 -7.78
CA PRO A 15 0.48 -30.60 -8.54
C PRO A 15 1.38 -30.77 -9.76
N SER A 16 2.52 -31.44 -9.58
CA SER A 16 3.44 -31.63 -10.69
C SER A 16 2.84 -32.49 -11.78
N SER A 17 2.17 -33.58 -11.40
CA SER A 17 1.58 -34.46 -12.38
C SER A 17 0.47 -33.73 -13.12
N LEU A 18 -0.26 -32.88 -12.41
CA LEU A 18 -1.32 -32.16 -13.08
C LEU A 18 -0.77 -31.22 -14.14
N PHE A 19 0.23 -30.41 -13.78
CA PHE A 19 0.80 -29.48 -14.75
C PHE A 19 1.47 -30.22 -15.90
N GLU A 20 2.16 -31.30 -15.59
CA GLU A 20 2.83 -32.08 -16.62
C GLU A 20 1.82 -32.58 -17.65
N SER A 21 0.68 -33.07 -17.17
CA SER A 21 -0.34 -33.57 -18.09
C SER A 21 -1.03 -32.42 -18.80
N LEU A 22 -1.16 -31.29 -18.12
CA LEU A 22 -1.80 -30.13 -18.73
C LEU A 22 -1.08 -29.66 -19.99
N ILE A 23 0.25 -29.59 -19.96
CA ILE A 23 1.00 -29.13 -21.13
C ILE A 23 1.61 -30.26 -21.99
N SER A 24 1.19 -31.50 -21.77
CA SER A 24 1.75 -32.62 -22.52
C SER A 24 1.47 -32.39 -23.99
N PRO A 25 2.41 -32.72 -24.86
CA PRO A 25 3.60 -33.53 -24.58
C PRO A 25 4.82 -32.72 -24.15
N ILE A 26 4.67 -31.41 -24.05
CA ILE A 26 5.80 -30.57 -23.67
C ILE A 26 6.31 -30.86 -22.25
N LYS A 27 7.60 -31.11 -22.12
CA LYS A 27 8.24 -31.42 -20.83
C LYS A 27 8.32 -30.15 -19.99
N THR A 28 8.07 -30.29 -18.69
CA THR A 28 8.12 -29.13 -17.82
C THR A 28 9.48 -28.47 -17.84
N GLU A 29 10.53 -29.28 -17.96
CA GLU A 29 11.88 -28.74 -18.00
C GLU A 29 12.06 -27.82 -19.20
N THR A 30 11.51 -28.24 -20.34
CA THR A 30 11.60 -27.47 -21.57
C THR A 30 10.73 -26.21 -21.49
N PHE A 31 9.57 -26.37 -20.87
CA PHE A 31 8.65 -25.25 -20.71
C PHE A 31 9.30 -24.08 -19.97
N PHE A 32 9.84 -24.34 -18.78
CA PHE A 32 10.45 -23.29 -17.97
C PHE A 32 11.78 -22.79 -18.50
N LYS A 33 12.50 -23.66 -19.19
CA LYS A 33 13.76 -23.28 -19.76
C LYS A 33 13.61 -22.53 -21.08
N GLU A 34 12.58 -22.87 -21.85
CA GLU A 34 12.42 -22.22 -23.15
C GLU A 34 11.23 -21.29 -23.36
N PHE A 35 10.13 -21.54 -22.67
CA PHE A 35 8.93 -20.73 -22.88
C PHE A 35 8.50 -19.76 -21.79
N TRP A 36 8.53 -20.21 -20.55
CA TRP A 36 7.98 -19.45 -19.46
C TRP A 36 8.60 -18.09 -19.45
N GLU A 37 7.76 -17.06 -19.40
CA GLU A 37 8.24 -15.69 -19.40
C GLU A 37 9.20 -15.31 -20.55
N GLN A 38 9.15 -16.07 -21.65
CA GLN A 38 9.99 -15.76 -22.80
C GLN A 38 9.20 -15.63 -24.10
N LYS A 39 8.36 -16.62 -24.41
CA LYS A 39 7.59 -16.61 -25.65
C LYS A 39 6.37 -17.55 -25.60
N PRO A 40 5.41 -17.33 -26.50
CA PRO A 40 4.20 -18.15 -26.55
C PRO A 40 4.46 -19.62 -26.83
N LEU A 41 3.57 -20.48 -26.32
CA LEU A 41 3.63 -21.92 -26.55
C LEU A 41 2.23 -22.33 -27.03
N LEU A 42 2.14 -22.82 -28.27
CA LEU A 42 0.87 -23.25 -28.84
C LEU A 42 0.84 -24.78 -28.90
N ILE A 43 -0.14 -25.40 -28.27
CA ILE A 43 -0.22 -26.85 -28.30
C ILE A 43 -1.51 -27.24 -29.00
N GLN A 44 -1.42 -27.56 -30.28
CA GLN A 44 -2.58 -27.97 -31.05
C GLN A 44 -2.67 -29.49 -31.03
N ARG A 45 -3.81 -30.00 -30.60
CA ARG A 45 -4.01 -31.43 -30.49
C ARG A 45 -5.15 -31.90 -31.38
N ASP A 46 -5.39 -33.21 -31.38
CA ASP A 46 -6.49 -33.79 -32.15
C ASP A 46 -6.95 -35.03 -31.39
N ASP A 47 -6.95 -34.91 -30.07
CA ASP A 47 -7.37 -35.99 -29.19
C ASP A 47 -8.86 -35.84 -28.88
N PRO A 48 -9.68 -36.82 -29.31
CA PRO A 48 -11.11 -36.78 -29.08
C PRO A 48 -11.48 -36.76 -27.60
N ALA A 49 -10.77 -37.56 -26.81
CA ALA A 49 -11.04 -37.64 -25.38
C ALA A 49 -10.73 -36.33 -24.67
N LEU A 50 -9.62 -35.69 -25.03
CA LEU A 50 -9.24 -34.43 -24.41
C LEU A 50 -10.26 -33.36 -24.78
N ALA A 51 -10.59 -33.29 -26.06
CA ALA A 51 -11.56 -32.33 -26.55
C ALA A 51 -12.87 -32.40 -25.76
N THR A 52 -13.31 -33.63 -25.46
CA THR A 52 -14.53 -33.85 -24.70
C THR A 52 -14.35 -33.42 -23.24
N TYR A 53 -13.19 -33.68 -22.68
CA TYR A 53 -12.92 -33.28 -21.30
C TYR A 53 -12.92 -31.74 -21.20
N TYR A 54 -12.22 -31.09 -22.11
CA TYR A 54 -12.18 -29.63 -22.10
C TYR A 54 -13.58 -29.06 -22.24
N GLY A 55 -14.38 -29.67 -23.11
CA GLY A 55 -15.73 -29.23 -23.36
C GLY A 55 -16.63 -29.36 -22.14
N SER A 56 -16.15 -30.07 -21.13
CA SER A 56 -16.94 -30.23 -19.91
C SER A 56 -16.52 -29.23 -18.84
N LEU A 57 -15.39 -28.55 -19.04
CA LEU A 57 -14.93 -27.59 -18.04
C LEU A 57 -15.90 -26.44 -17.83
N PHE A 58 -16.46 -25.95 -18.93
CA PHE A 58 -17.44 -24.85 -18.87
C PHE A 58 -18.17 -24.80 -20.21
N LYS A 59 -19.49 -24.60 -20.17
CA LYS A 59 -20.30 -24.53 -21.38
C LYS A 59 -21.14 -23.27 -21.38
N LEU A 60 -21.46 -22.79 -22.58
CA LEU A 60 -22.30 -21.59 -22.72
C LEU A 60 -23.64 -21.85 -22.03
N THR A 61 -24.08 -23.10 -22.07
CA THR A 61 -25.36 -23.48 -21.47
C THR A 61 -25.34 -23.40 -19.93
N ASP A 62 -24.15 -23.45 -19.33
CA ASP A 62 -24.05 -23.38 -17.88
C ASP A 62 -24.52 -22.02 -17.36
N LEU A 63 -24.54 -21.01 -18.24
CA LEU A 63 -24.95 -19.68 -17.81
C LEU A 63 -26.34 -19.62 -17.22
N LYS A 64 -27.25 -20.47 -17.70
CA LYS A 64 -28.61 -20.45 -17.21
C LYS A 64 -28.63 -20.84 -15.73
N SER A 65 -27.98 -21.95 -15.40
CA SER A 65 -27.90 -22.42 -14.03
C SER A 65 -27.14 -21.43 -13.14
N LEU A 66 -26.06 -20.88 -13.65
CA LEU A 66 -25.26 -19.92 -12.91
C LEU A 66 -26.06 -18.69 -12.55
N CYS A 67 -26.84 -18.16 -13.50
CA CYS A 67 -27.67 -16.98 -13.23
C CYS A 67 -28.73 -17.24 -12.15
N SER A 68 -29.22 -18.48 -12.04
CA SER A 68 -30.23 -18.77 -11.01
C SER A 68 -29.63 -18.72 -9.62
N ARG A 69 -28.31 -18.65 -9.54
CA ARG A 69 -27.63 -18.61 -8.25
C ARG A 69 -27.36 -17.17 -7.81
N GLY A 70 -27.70 -16.23 -8.67
CA GLY A 70 -27.50 -14.82 -8.36
C GLY A 70 -26.16 -14.30 -8.83
N MET A 71 -26.12 -13.77 -10.04
CA MET A 71 -24.89 -13.22 -10.61
C MET A 71 -25.07 -11.72 -10.82
N TYR A 72 -23.99 -10.97 -10.68
CA TYR A 72 -24.03 -9.54 -10.85
C TYR A 72 -23.15 -9.08 -12.00
N TYR A 73 -23.57 -8.02 -12.68
CA TYR A 73 -22.78 -7.45 -13.77
C TYR A 73 -21.53 -6.80 -13.16
N GLY A 74 -20.40 -6.89 -13.86
CA GLY A 74 -19.17 -6.29 -13.37
C GLY A 74 -18.42 -7.24 -12.45
N ARG A 75 -19.08 -7.61 -11.36
CA ARG A 75 -18.47 -8.53 -10.41
C ARG A 75 -18.33 -9.97 -10.94
N ASP A 76 -19.42 -10.56 -11.43
CA ASP A 76 -19.36 -11.95 -11.91
C ASP A 76 -19.33 -12.09 -13.44
N VAL A 77 -19.92 -11.13 -14.15
CA VAL A 77 -19.97 -11.23 -15.61
C VAL A 77 -20.00 -9.89 -16.30
N ASN A 78 -19.29 -9.82 -17.43
CA ASN A 78 -19.26 -8.61 -18.24
C ASN A 78 -19.67 -8.98 -19.66
N VAL A 79 -20.22 -7.99 -20.36
CA VAL A 79 -20.64 -8.18 -21.73
C VAL A 79 -20.01 -7.05 -22.54
N CYS A 80 -19.35 -7.40 -23.64
CA CYS A 80 -18.71 -6.37 -24.45
C CYS A 80 -18.54 -6.71 -25.92
N ARG A 81 -18.20 -5.71 -26.71
CA ARG A 81 -17.97 -5.94 -28.13
C ARG A 81 -16.91 -4.97 -28.60
N CYS A 82 -16.05 -5.43 -29.49
CA CYS A 82 -14.99 -4.56 -29.98
C CYS A 82 -15.49 -3.62 -31.09
N VAL A 83 -15.46 -2.32 -30.79
CA VAL A 83 -15.89 -1.28 -31.73
C VAL A 83 -14.79 -0.24 -31.91
N ASN A 84 -14.38 -0.03 -33.15
CA ASN A 84 -13.33 0.95 -33.47
C ASN A 84 -12.10 0.80 -32.58
N GLY A 85 -11.61 -0.44 -32.45
CA GLY A 85 -10.43 -0.70 -31.64
C GLY A 85 -10.58 -0.42 -30.16
N LYS A 86 -11.81 -0.22 -29.70
CA LYS A 86 -12.05 0.04 -28.30
C LYS A 86 -13.08 -0.92 -27.75
N LYS A 87 -12.95 -1.26 -26.46
CA LYS A 87 -13.86 -2.16 -25.80
C LYS A 87 -15.13 -1.46 -25.35
N LYS A 88 -16.26 -1.77 -26.00
CA LYS A 88 -17.55 -1.18 -25.65
C LYS A 88 -18.24 -2.07 -24.62
N VAL A 89 -18.61 -1.50 -23.49
CA VAL A 89 -19.28 -2.24 -22.41
C VAL A 89 -20.80 -2.18 -22.57
N LEU A 90 -21.44 -3.35 -22.54
CA LEU A 90 -22.90 -3.45 -22.68
C LEU A 90 -23.55 -3.91 -21.37
N ASN A 91 -22.80 -3.82 -20.28
CA ASN A 91 -23.30 -4.20 -18.97
C ASN A 91 -24.48 -3.39 -18.51
N LYS A 92 -25.39 -4.06 -17.81
CA LYS A 92 -26.57 -3.39 -17.26
C LYS A 92 -26.23 -3.20 -15.78
N ASP A 93 -27.20 -2.76 -14.99
CA ASP A 93 -26.98 -2.56 -13.57
C ASP A 93 -27.52 -3.73 -12.77
N GLY A 94 -26.89 -3.99 -11.64
CA GLY A 94 -27.34 -5.05 -10.75
C GLY A 94 -27.25 -6.48 -11.23
N LYS A 95 -28.25 -7.26 -10.86
CA LYS A 95 -28.33 -8.68 -11.19
C LYS A 95 -28.37 -8.95 -12.69
N ALA A 96 -27.67 -10.01 -13.11
CA ALA A 96 -27.63 -10.40 -14.51
C ALA A 96 -28.60 -11.56 -14.71
N HIS A 97 -29.51 -11.43 -15.66
CA HIS A 97 -30.48 -12.48 -15.95
C HIS A 97 -30.03 -13.18 -17.22
N PHE A 98 -30.18 -14.49 -17.26
CA PHE A 98 -29.79 -15.27 -18.43
C PHE A 98 -30.32 -14.71 -19.75
N LEU A 99 -31.59 -14.27 -19.78
CA LEU A 99 -32.17 -13.73 -21.01
C LEU A 99 -31.47 -12.46 -21.47
N GLN A 100 -30.97 -11.66 -20.53
CA GLN A 100 -30.23 -10.44 -20.88
C GLN A 100 -28.91 -10.82 -21.54
N LEU A 101 -28.26 -11.83 -20.97
CA LEU A 101 -26.98 -12.25 -21.52
C LEU A 101 -27.18 -12.77 -22.95
N ARG A 102 -28.19 -13.62 -23.12
CA ARG A 102 -28.49 -14.20 -24.43
C ARG A 102 -28.89 -13.17 -25.47
N LYS A 103 -29.61 -12.14 -25.05
CA LYS A 103 -30.03 -11.11 -25.99
C LYS A 103 -28.82 -10.35 -26.52
N ASP A 104 -27.93 -9.88 -25.63
CA ASP A 104 -26.74 -9.18 -26.08
C ASP A 104 -25.85 -10.11 -26.88
N PHE A 105 -25.80 -11.38 -26.50
CA PHE A 105 -24.98 -12.36 -27.20
C PHE A 105 -25.53 -12.71 -28.60
N ASP A 106 -26.82 -13.00 -28.70
CA ASP A 106 -27.41 -13.38 -29.98
C ASP A 106 -27.67 -12.22 -30.93
N GLN A 107 -28.16 -11.11 -30.38
CA GLN A 107 -28.51 -9.97 -31.20
C GLN A 107 -27.45 -8.89 -31.34
N LYS A 108 -26.74 -8.59 -30.27
CA LYS A 108 -25.70 -7.58 -30.36
C LYS A 108 -24.34 -8.18 -30.70
N ARG A 109 -24.29 -9.51 -30.80
CA ARG A 109 -23.05 -10.20 -31.12
C ARG A 109 -21.99 -9.88 -30.03
N ALA A 110 -22.45 -9.71 -28.80
CA ALA A 110 -21.52 -9.38 -27.72
C ALA A 110 -20.81 -10.60 -27.15
N THR A 111 -19.61 -10.36 -26.66
CA THR A 111 -18.83 -11.41 -26.03
C THR A 111 -19.21 -11.43 -24.54
N ILE A 112 -19.36 -12.63 -23.98
CA ILE A 112 -19.67 -12.77 -22.56
C ILE A 112 -18.38 -13.17 -21.82
N GLN A 113 -18.09 -12.48 -20.72
CA GLN A 113 -16.90 -12.75 -19.91
C GLN A 113 -17.35 -13.07 -18.48
N PHE A 114 -17.16 -14.33 -18.07
CA PHE A 114 -17.56 -14.77 -16.74
C PHE A 114 -16.30 -14.84 -15.86
N HIS A 115 -16.39 -14.30 -14.65
CA HIS A 115 -15.26 -14.25 -13.71
C HIS A 115 -15.23 -15.33 -12.64
N GLN A 116 -14.05 -15.95 -12.51
CA GLN A 116 -13.79 -16.96 -11.50
C GLN A 116 -14.80 -18.07 -11.47
N PRO A 117 -14.91 -18.81 -12.59
CA PRO A 117 -15.88 -19.90 -12.62
C PRO A 117 -15.56 -21.05 -11.65
N GLN A 118 -14.32 -21.11 -11.16
CA GLN A 118 -13.91 -22.17 -10.23
C GLN A 118 -14.71 -22.11 -8.94
N ARG A 119 -15.37 -20.99 -8.70
CA ARG A 119 -16.19 -20.87 -7.50
C ARG A 119 -17.40 -21.82 -7.57
N PHE A 120 -17.80 -22.21 -8.78
CA PHE A 120 -18.96 -23.06 -8.96
C PHE A 120 -18.73 -24.33 -9.76
N LYS A 121 -17.74 -24.30 -10.65
CA LYS A 121 -17.40 -25.46 -11.47
C LYS A 121 -16.34 -26.28 -10.72
N ASP A 122 -16.70 -27.50 -10.32
CA ASP A 122 -15.79 -28.37 -9.56
C ASP A 122 -14.47 -28.77 -10.23
N GLU A 123 -14.52 -29.08 -11.52
CA GLU A 123 -13.29 -29.48 -12.21
C GLU A 123 -12.29 -28.30 -12.28
N LEU A 124 -12.78 -27.10 -12.54
CA LEU A 124 -11.88 -25.95 -12.60
C LEU A 124 -11.29 -25.69 -11.22
N TRP A 125 -12.06 -25.96 -10.17
CA TRP A 125 -11.56 -25.84 -8.82
C TRP A 125 -10.43 -26.79 -8.58
N ARG A 126 -10.62 -28.04 -8.99
CA ARG A 126 -9.59 -29.04 -8.83
C ARG A 126 -8.31 -28.70 -9.61
N ILE A 127 -8.49 -28.19 -10.83
CA ILE A 127 -7.37 -27.82 -11.65
C ILE A 127 -6.61 -26.60 -11.12
N GLN A 128 -7.35 -25.54 -10.79
CA GLN A 128 -6.73 -24.30 -10.31
C GLN A 128 -6.07 -24.43 -8.95
N GLU A 129 -6.64 -25.24 -8.07
CA GLU A 129 -6.06 -25.46 -6.74
C GLU A 129 -4.69 -26.15 -6.91
N LYS A 130 -4.62 -27.14 -7.80
CA LYS A 130 -3.36 -27.85 -8.05
C LYS A 130 -2.31 -26.91 -8.62
N LEU A 131 -2.74 -25.99 -9.49
CA LEU A 131 -1.83 -25.03 -10.08
C LEU A 131 -1.34 -24.04 -9.04
N GLU A 132 -2.21 -23.65 -8.10
CA GLU A 132 -1.78 -22.73 -7.04
C GLU A 132 -0.64 -23.38 -6.24
N CYS A 133 -0.78 -24.69 -5.99
CA CYS A 133 0.27 -25.42 -5.28
C CYS A 133 1.53 -25.45 -6.10
N TYR A 134 1.40 -25.79 -7.38
CA TYR A 134 2.55 -25.91 -8.26
C TYR A 134 3.31 -24.61 -8.46
N PHE A 135 2.57 -23.53 -8.64
CA PHE A 135 3.20 -22.23 -8.86
C PHE A 135 3.52 -21.44 -7.60
N GLY A 136 2.75 -21.69 -6.54
CA GLY A 136 2.94 -20.96 -5.29
C GLY A 136 2.49 -19.53 -5.48
N SER A 137 1.46 -19.36 -6.32
CA SER A 137 0.93 -18.05 -6.68
C SER A 137 -0.57 -18.20 -6.86
N LEU A 138 -1.32 -17.12 -6.66
CA LEU A 138 -2.77 -17.18 -6.84
C LEU A 138 -3.08 -17.54 -8.32
N VAL A 139 -4.12 -18.35 -8.50
CA VAL A 139 -4.52 -18.78 -9.84
C VAL A 139 -6.00 -18.54 -10.07
N GLY A 140 -6.32 -17.51 -10.84
CA GLY A 140 -7.72 -17.23 -11.11
C GLY A 140 -8.05 -17.63 -12.53
N SER A 141 -9.27 -17.35 -12.98
CA SER A 141 -9.57 -17.67 -14.37
C SER A 141 -10.78 -16.85 -14.78
N ASN A 142 -10.90 -16.64 -16.09
CA ASN A 142 -12.02 -15.94 -16.68
C ASN A 142 -12.43 -16.77 -17.90
N VAL A 143 -13.74 -16.84 -18.17
CA VAL A 143 -14.24 -17.56 -19.33
C VAL A 143 -14.70 -16.53 -20.33
N TYR A 144 -14.38 -16.75 -21.61
CA TYR A 144 -14.75 -15.84 -22.69
C TYR A 144 -15.57 -16.65 -23.71
N ILE A 145 -16.79 -16.17 -23.98
CA ILE A 145 -17.72 -16.79 -24.92
C ILE A 145 -18.04 -15.73 -25.98
N THR A 146 -17.66 -16.03 -27.23
CA THR A 146 -17.82 -15.11 -28.34
C THR A 146 -18.66 -15.73 -29.46
N PRO A 147 -19.72 -15.05 -29.87
CA PRO A 147 -20.59 -15.57 -30.93
C PRO A 147 -19.91 -15.57 -32.29
N ALA A 148 -20.35 -16.46 -33.18
CA ALA A 148 -19.79 -16.58 -34.52
C ALA A 148 -19.71 -15.26 -35.27
N GLY A 149 -18.61 -15.10 -36.02
CA GLY A 149 -18.43 -13.91 -36.81
C GLY A 149 -18.21 -12.61 -36.06
N SER A 150 -17.71 -12.68 -34.83
CA SER A 150 -17.49 -11.46 -34.07
C SER A 150 -16.18 -11.44 -33.29
N GLN A 151 -15.88 -10.26 -32.73
CA GLN A 151 -14.68 -10.04 -31.93
C GLN A 151 -15.10 -9.22 -30.70
N GLY A 152 -14.84 -9.78 -29.52
CA GLY A 152 -15.22 -9.08 -28.30
C GLY A 152 -14.26 -8.04 -27.78
N LEU A 153 -12.97 -8.26 -27.97
CA LEU A 153 -11.95 -7.33 -27.48
C LEU A 153 -10.92 -6.92 -28.53
N PRO A 154 -10.47 -5.66 -28.46
CA PRO A 154 -9.47 -5.15 -29.41
C PRO A 154 -8.09 -5.68 -28.99
N PRO A 155 -7.07 -5.49 -29.84
CA PRO A 155 -5.73 -5.98 -29.49
C PRO A 155 -5.26 -5.37 -28.16
N HIS A 156 -4.63 -6.18 -27.32
CA HIS A 156 -4.17 -5.70 -26.02
C HIS A 156 -3.24 -6.71 -25.36
N TYR A 157 -2.80 -6.36 -24.15
CA TYR A 157 -1.95 -7.26 -23.37
C TYR A 157 -2.36 -7.19 -21.91
N ASP A 158 -2.16 -8.28 -21.17
CA ASP A 158 -2.54 -8.31 -19.77
C ASP A 158 -1.32 -8.40 -18.85
N ASP A 159 -1.55 -8.34 -17.54
CA ASP A 159 -0.49 -8.34 -16.54
C ASP A 159 -0.22 -9.68 -15.88
N VAL A 160 -0.70 -10.75 -16.50
CA VAL A 160 -0.53 -12.08 -15.89
C VAL A 160 -0.09 -13.15 -16.89
N GLU A 161 0.47 -14.23 -16.37
CA GLU A 161 0.87 -15.37 -17.19
C GLU A 161 -0.44 -16.12 -17.40
N VAL A 162 -0.69 -16.56 -18.64
CA VAL A 162 -1.93 -17.25 -18.92
C VAL A 162 -1.82 -18.59 -19.65
N PHE A 163 -2.75 -19.46 -19.33
CA PHE A 163 -2.87 -20.78 -19.94
C PHE A 163 -4.31 -20.76 -20.44
N ILE A 164 -4.46 -20.75 -21.77
CA ILE A 164 -5.78 -20.70 -22.38
C ILE A 164 -6.22 -22.09 -22.86
N LEU A 165 -7.38 -22.53 -22.43
CA LEU A 165 -7.91 -23.82 -22.84
C LEU A 165 -9.13 -23.59 -23.72
N GLN A 166 -9.10 -24.12 -24.93
CA GLN A 166 -10.22 -23.97 -25.88
C GLN A 166 -11.24 -25.06 -25.52
N LEU A 167 -12.41 -24.63 -25.05
CA LEU A 167 -13.47 -25.53 -24.61
C LEU A 167 -14.55 -25.89 -25.65
N GLU A 168 -15.01 -24.91 -26.40
CA GLU A 168 -16.05 -25.11 -27.43
C GLU A 168 -15.76 -24.27 -28.65
N GLY A 169 -16.10 -24.80 -29.83
CA GLY A 169 -15.90 -24.07 -31.07
C GLY A 169 -14.45 -23.79 -31.40
N GLU A 170 -14.24 -22.92 -32.39
CA GLU A 170 -12.90 -22.56 -32.81
C GLU A 170 -12.74 -21.06 -32.74
N LYS A 171 -11.51 -20.60 -32.63
CA LYS A 171 -11.28 -19.17 -32.59
C LYS A 171 -9.97 -18.84 -33.31
N HIS A 172 -9.99 -17.72 -34.03
CA HIS A 172 -8.83 -17.25 -34.79
C HIS A 172 -8.02 -16.29 -33.93
N TRP A 173 -6.78 -16.65 -33.65
CA TRP A 173 -5.91 -15.87 -32.79
C TRP A 173 -4.71 -15.25 -33.48
N ARG A 174 -4.32 -14.06 -33.05
CA ARG A 174 -3.14 -13.40 -33.55
C ARG A 174 -2.33 -12.90 -32.33
N LEU A 175 -1.07 -13.31 -32.25
CA LEU A 175 -0.16 -12.91 -31.17
C LEU A 175 0.91 -11.98 -31.72
N TYR A 176 1.24 -10.95 -30.95
CA TYR A 176 2.23 -9.95 -31.35
C TYR A 176 3.33 -9.82 -30.30
N HIS A 177 4.50 -9.35 -30.73
CA HIS A 177 5.62 -9.13 -29.84
C HIS A 177 5.24 -8.06 -28.86
N PRO A 178 5.71 -8.16 -27.64
CA PRO A 178 5.34 -7.16 -26.64
C PRO A 178 5.94 -5.77 -26.85
N THR A 179 5.18 -4.73 -26.50
CA THR A 179 5.69 -3.38 -26.59
C THR A 179 6.25 -3.11 -25.19
N VAL A 180 5.70 -3.82 -24.20
CA VAL A 180 6.18 -3.71 -22.82
C VAL A 180 6.40 -5.15 -22.32
N PRO A 181 7.61 -5.69 -22.55
CA PRO A 181 7.96 -7.06 -22.13
C PRO A 181 7.71 -7.27 -20.64
N LEU A 182 7.09 -8.41 -20.33
CA LEU A 182 6.74 -8.80 -18.96
C LEU A 182 6.09 -7.65 -18.23
N ALA A 183 5.10 -7.05 -18.87
CA ALA A 183 4.40 -5.91 -18.29
C ALA A 183 3.77 -6.24 -16.93
N ARG A 184 3.69 -5.25 -16.05
CA ARG A 184 3.04 -5.47 -14.76
C ARG A 184 1.76 -4.66 -14.74
N GLU A 185 1.38 -4.18 -15.91
CA GLU A 185 0.18 -3.37 -16.10
C GLU A 185 -0.48 -3.83 -17.41
N CYS A 186 -1.78 -3.55 -17.58
CA CYS A 186 -2.47 -3.95 -18.81
C CYS A 186 -2.71 -2.73 -19.68
N SER A 187 -3.08 -2.96 -20.92
CA SER A 187 -3.37 -1.87 -21.81
C SER A 187 -3.82 -2.31 -23.18
N VAL A 188 -4.68 -1.49 -23.80
CA VAL A 188 -5.15 -1.75 -25.14
C VAL A 188 -4.07 -1.17 -26.05
N GLU A 189 -3.91 -1.77 -27.23
CA GLU A 189 -2.90 -1.34 -28.19
C GLU A 189 -3.51 -1.09 -29.58
N ALA A 190 -3.00 -0.08 -30.27
CA ALA A 190 -3.47 0.24 -31.62
C ALA A 190 -2.75 -0.68 -32.58
N GLU A 191 -3.51 -1.36 -33.44
CA GLU A 191 -2.94 -2.29 -34.41
C GLU A 191 -1.87 -1.65 -35.29
N GLU A 192 -1.98 -0.34 -35.48
CA GLU A 192 -1.02 0.39 -36.30
C GLU A 192 0.33 0.56 -35.61
N ARG A 193 0.50 -0.06 -34.44
CA ARG A 193 1.76 0.07 -33.72
C ARG A 193 2.24 -1.25 -33.12
N ILE A 194 1.70 -2.37 -33.59
CA ILE A 194 2.09 -3.68 -33.06
C ILE A 194 2.81 -4.55 -34.07
N GLY A 195 2.89 -4.07 -35.32
CA GLY A 195 3.57 -4.82 -36.35
C GLY A 195 2.86 -6.08 -36.79
N ARG A 196 3.55 -6.90 -37.58
CA ARG A 196 2.97 -8.15 -38.07
C ARG A 196 2.92 -9.15 -36.94
N PRO A 197 1.92 -10.05 -36.94
CA PRO A 197 1.77 -11.07 -35.91
C PRO A 197 2.98 -12.00 -35.89
N VAL A 198 3.44 -12.37 -34.69
CA VAL A 198 4.56 -13.30 -34.59
C VAL A 198 3.96 -14.71 -34.73
N HIS A 199 2.69 -14.85 -34.34
CA HIS A 199 1.99 -16.14 -34.46
C HIS A 199 0.54 -15.87 -34.86
N GLU A 200 -0.02 -16.76 -35.67
CA GLU A 200 -1.40 -16.65 -36.13
C GLU A 200 -1.88 -18.07 -36.30
N PHE A 201 -3.00 -18.42 -35.70
CA PHE A 201 -3.48 -19.78 -35.75
C PHE A 201 -4.93 -19.88 -35.36
N MET A 202 -5.44 -21.10 -35.41
CA MET A 202 -6.82 -21.41 -35.08
C MET A 202 -6.84 -22.36 -33.89
N LEU A 203 -7.58 -22.00 -32.84
CA LEU A 203 -7.70 -22.90 -31.69
C LEU A 203 -8.99 -23.71 -31.77
N LYS A 204 -8.91 -25.00 -31.47
CA LYS A 204 -10.10 -25.86 -31.46
C LYS A 204 -10.16 -26.63 -30.14
N PRO A 205 -11.35 -27.16 -29.78
CA PRO A 205 -11.51 -27.90 -28.52
C PRO A 205 -10.34 -28.83 -28.20
N GLY A 206 -9.79 -28.70 -26.98
CA GLY A 206 -8.66 -29.51 -26.57
C GLY A 206 -7.30 -28.83 -26.75
N ASP A 207 -7.26 -27.70 -27.46
CA ASP A 207 -6.00 -26.99 -27.67
C ASP A 207 -5.66 -26.14 -26.45
N LEU A 208 -4.37 -25.91 -26.26
CA LEU A 208 -3.87 -25.10 -25.14
C LEU A 208 -2.86 -24.09 -25.65
N LEU A 209 -3.01 -22.86 -25.15
CA LEU A 209 -2.14 -21.77 -25.52
C LEU A 209 -1.58 -21.04 -24.29
N TYR A 210 -0.26 -20.94 -24.19
CA TYR A 210 0.39 -20.21 -23.12
C TYR A 210 1.13 -19.02 -23.68
N PHE A 211 1.04 -17.88 -23.02
CA PHE A 211 1.93 -16.77 -23.32
C PHE A 211 2.21 -15.90 -22.11
N PRO A 212 3.36 -15.24 -22.11
CA PRO A 212 3.70 -14.40 -20.96
C PRO A 212 2.98 -13.05 -20.89
N ARG A 213 2.92 -12.49 -19.69
CA ARG A 213 2.30 -11.19 -19.49
C ARG A 213 3.04 -10.24 -20.44
N GLY A 214 2.30 -9.33 -21.07
CA GLY A 214 2.91 -8.40 -22.00
C GLY A 214 2.69 -8.82 -23.45
N THR A 215 2.38 -10.09 -23.65
CA THR A 215 2.14 -10.57 -25.02
C THR A 215 0.88 -9.94 -25.54
N ILE A 216 0.99 -9.26 -26.68
CA ILE A 216 -0.15 -8.59 -27.29
C ILE A 216 -0.96 -9.61 -28.08
N HIS A 217 -2.28 -9.52 -27.97
CA HIS A 217 -3.11 -10.49 -28.65
C HIS A 217 -4.49 -9.98 -28.97
N GLN A 218 -5.17 -10.70 -29.84
CA GLN A 218 -6.54 -10.40 -30.24
C GLN A 218 -7.10 -11.65 -30.91
N ALA A 219 -8.40 -11.88 -30.78
CA ALA A 219 -9.02 -13.06 -31.38
C ALA A 219 -10.44 -12.76 -31.86
N ASP A 220 -10.92 -13.57 -32.80
CA ASP A 220 -12.27 -13.38 -33.34
C ASP A 220 -12.79 -14.76 -33.74
N THR A 221 -14.09 -14.98 -33.55
CA THR A 221 -14.72 -16.26 -33.90
C THR A 221 -15.11 -16.19 -35.37
N PRO A 222 -14.71 -17.19 -36.15
CA PRO A 222 -15.04 -17.21 -37.59
C PRO A 222 -16.54 -17.28 -37.81
N ALA A 223 -16.99 -16.78 -38.96
CA ALA A 223 -18.40 -16.81 -39.34
C ALA A 223 -18.83 -18.28 -39.35
N GLY A 224 -20.11 -18.52 -39.09
CA GLY A 224 -20.63 -19.87 -39.05
C GLY A 224 -21.71 -19.93 -37.99
N LEU A 225 -22.05 -21.12 -37.53
CA LEU A 225 -23.08 -21.28 -36.50
C LEU A 225 -22.50 -21.62 -35.13
N ALA A 226 -21.21 -21.94 -35.08
CA ALA A 226 -20.56 -22.29 -33.82
C ALA A 226 -19.95 -21.10 -33.10
N HIS A 227 -20.27 -20.95 -31.82
CA HIS A 227 -19.70 -19.87 -31.03
C HIS A 227 -18.37 -20.39 -30.48
N SER A 228 -17.58 -19.49 -29.91
CA SER A 228 -16.33 -19.88 -29.30
C SER A 228 -16.34 -19.74 -27.78
N THR A 229 -15.82 -20.75 -27.11
CA THR A 229 -15.71 -20.70 -25.66
C THR A 229 -14.32 -21.11 -25.19
N HIS A 230 -13.67 -20.25 -24.42
CA HIS A 230 -12.37 -20.64 -23.85
C HIS A 230 -12.26 -20.14 -22.42
N VAL A 231 -11.34 -20.73 -21.66
CA VAL A 231 -11.13 -20.28 -20.29
C VAL A 231 -9.66 -19.85 -20.18
N THR A 232 -9.43 -18.65 -19.61
CA THR A 232 -8.06 -18.17 -19.45
C THR A 232 -7.67 -18.30 -17.97
N ILE A 233 -6.76 -19.21 -17.67
CA ILE A 233 -6.28 -19.47 -16.31
C ILE A 233 -5.03 -18.62 -16.15
N SER A 234 -5.08 -17.68 -15.21
CA SER A 234 -3.98 -16.74 -15.03
C SER A 234 -3.25 -16.81 -13.70
N THR A 235 -1.98 -16.48 -13.72
CA THR A 235 -1.25 -16.52 -12.47
C THR A 235 -0.06 -15.57 -12.51
N TYR A 236 0.70 -15.54 -11.42
CA TYR A 236 1.86 -14.67 -11.35
C TYR A 236 1.60 -13.18 -11.52
N GLN A 237 0.52 -12.70 -10.93
CA GLN A 237 0.25 -11.27 -10.97
C GLN A 237 1.12 -10.66 -9.85
N ASN A 238 1.84 -9.58 -10.13
CA ASN A 238 2.69 -8.93 -9.11
C ASN A 238 3.54 -9.94 -8.33
N ASN A 239 4.19 -10.83 -9.07
CA ASN A 239 5.00 -11.86 -8.46
C ASN A 239 6.42 -11.80 -8.99
N SER A 240 6.88 -10.59 -9.27
CA SER A 240 8.22 -10.37 -9.80
C SER A 240 9.30 -10.13 -8.73
N TRP A 241 10.54 -10.13 -9.16
CA TRP A 241 11.66 -9.90 -8.30
C TRP A 241 11.54 -8.53 -7.70
N GLY A 242 11.03 -7.59 -8.46
CA GLY A 242 10.85 -6.24 -7.97
C GLY A 242 9.86 -6.21 -6.79
N ASP A 243 8.78 -6.99 -6.89
CA ASP A 243 7.79 -7.06 -5.82
C ASP A 243 8.38 -7.70 -4.58
N PHE A 244 9.08 -8.82 -4.78
CA PHE A 244 9.70 -9.56 -3.72
C PHE A 244 10.83 -8.75 -3.08
N LEU A 245 11.52 -7.97 -3.89
CA LEU A 245 12.60 -7.15 -3.35
C LEU A 245 12.01 -6.09 -2.41
N LEU A 246 10.93 -5.45 -2.82
CA LEU A 246 10.31 -4.43 -1.98
C LEU A 246 9.71 -5.07 -0.72
N ASP A 247 9.19 -6.29 -0.90
CA ASP A 247 8.58 -7.04 0.17
C ASP A 247 9.62 -7.33 1.23
N THR A 248 10.80 -7.76 0.79
CA THR A 248 11.88 -8.08 1.71
C THR A 248 12.46 -6.84 2.39
N ILE A 249 12.70 -5.80 1.61
CA ILE A 249 13.25 -4.57 2.18
C ILE A 249 12.29 -4.01 3.24
N SER A 250 11.00 -4.06 2.95
CA SER A 250 10.01 -3.56 3.88
C SER A 250 10.13 -4.32 5.19
N GLY A 251 10.30 -5.65 5.07
CA GLY A 251 10.45 -6.47 6.26
C GLY A 251 11.74 -6.17 7.01
N LEU A 252 12.82 -5.95 6.29
CA LEU A 252 14.12 -5.64 6.91
C LEU A 252 14.16 -4.28 7.57
N VAL A 253 13.36 -3.34 7.07
CA VAL A 253 13.31 -1.99 7.60
C VAL A 253 12.29 -1.76 8.72
N PHE A 254 11.15 -2.42 8.64
CA PHE A 254 10.12 -2.22 9.67
C PHE A 254 9.94 -3.38 10.65
N ASP A 255 10.99 -4.17 10.86
CA ASP A 255 10.92 -5.29 11.79
C ASP A 255 12.07 -5.22 12.79
N THR A 256 13.16 -4.61 12.37
CA THR A 256 14.35 -4.49 13.21
C THR A 256 14.01 -3.84 14.56
N ALA A 257 14.65 -4.35 15.61
CA ALA A 257 14.43 -3.86 16.97
C ALA A 257 14.90 -2.41 17.17
N LYS A 258 14.76 -1.92 18.41
CA LYS A 258 15.12 -0.54 18.77
C LYS A 258 16.60 -0.23 18.97
N GLU A 259 17.50 -1.04 18.42
CA GLU A 259 18.93 -0.80 18.58
C GLU A 259 19.52 0.18 17.57
N ASP A 260 19.17 0.01 16.30
CA ASP A 260 19.66 0.88 15.23
C ASP A 260 18.61 1.88 14.77
N VAL A 261 18.51 3.00 15.46
CA VAL A 261 17.54 4.04 15.14
C VAL A 261 17.84 4.79 13.85
N GLU A 262 18.90 4.45 13.13
CA GLU A 262 19.23 5.27 11.97
C GLU A 262 18.14 5.34 10.88
N LEU A 263 17.51 4.23 10.53
CA LEU A 263 16.37 4.28 9.61
C LEU A 263 15.09 4.81 10.25
N ARG A 264 15.09 4.92 11.56
CA ARG A 264 13.92 5.44 12.26
C ARG A 264 14.00 6.96 12.42
N THR A 265 15.18 7.53 12.22
CA THR A 265 15.34 8.98 12.34
C THR A 265 14.68 9.66 11.13
N GLY A 266 14.26 10.90 11.34
CA GLY A 266 13.60 11.65 10.28
C GLY A 266 14.53 12.22 9.25
N ILE A 267 14.03 12.35 8.03
CA ILE A 267 14.79 12.92 6.93
C ILE A 267 14.94 14.42 7.20
N PRO A 268 15.85 15.08 6.49
CA PRO A 268 16.03 16.53 6.70
C PRO A 268 14.72 17.26 6.39
N ARG A 269 14.51 18.42 7.00
CA ARG A 269 13.27 19.10 6.71
C ARG A 269 13.29 19.69 5.31
N GLN A 270 12.12 19.77 4.69
CA GLN A 270 11.96 20.31 3.33
C GLN A 270 12.61 19.48 2.23
N LEU A 271 13.06 18.27 2.57
CA LEU A 271 13.69 17.40 1.59
C LEU A 271 12.74 17.19 0.41
N LEU A 272 11.45 16.99 0.70
CA LEU A 272 10.46 16.74 -0.33
C LEU A 272 10.14 17.95 -1.18
N LEU A 273 10.67 19.11 -0.80
CA LEU A 273 10.43 20.34 -1.55
C LEU A 273 11.58 20.67 -2.48
N GLN A 274 12.62 19.84 -2.47
CA GLN A 274 13.79 20.08 -3.32
C GLN A 274 13.49 19.76 -4.78
N VAL A 275 14.19 20.43 -5.69
CA VAL A 275 14.00 20.23 -7.12
C VAL A 275 15.09 19.37 -7.74
N GLU A 276 15.85 18.69 -6.88
CA GLU A 276 16.90 17.81 -7.31
C GLU A 276 17.01 16.69 -6.28
N SER A 277 17.57 15.55 -6.68
CA SER A 277 17.74 14.45 -5.74
C SER A 277 19.06 14.84 -5.07
N THR A 278 18.95 15.37 -3.85
CA THR A 278 20.12 15.79 -3.10
C THR A 278 21.18 14.69 -3.00
N THR A 279 22.42 15.04 -3.28
CA THR A 279 23.52 14.09 -3.22
C THR A 279 23.73 13.59 -1.79
N VAL A 280 23.28 14.39 -0.82
CA VAL A 280 23.43 14.01 0.58
C VAL A 280 22.55 12.80 0.89
N ALA A 281 21.34 12.80 0.35
CA ALA A 281 20.40 11.71 0.57
C ALA A 281 20.76 10.54 -0.33
N THR A 282 21.30 10.86 -1.50
CA THR A 282 21.70 9.85 -2.48
C THR A 282 22.74 8.90 -1.90
N ARG A 283 23.81 9.47 -1.37
CA ARG A 283 24.90 8.68 -0.80
C ARG A 283 24.42 7.95 0.45
N ARG A 284 23.56 8.59 1.22
CA ARG A 284 23.01 7.98 2.40
C ARG A 284 22.14 6.77 2.10
N LEU A 285 21.29 6.88 1.09
CA LEU A 285 20.45 5.76 0.68
C LEU A 285 21.30 4.63 0.13
N SER A 286 22.34 4.95 -0.63
CA SER A 286 23.23 3.92 -1.17
C SER A 286 23.86 3.15 -0.02
N GLY A 287 24.24 3.88 1.03
CA GLY A 287 24.85 3.24 2.19
C GLY A 287 23.90 2.25 2.83
N PHE A 288 22.63 2.62 2.97
CA PHE A 288 21.65 1.72 3.56
C PHE A 288 21.49 0.46 2.70
N LEU A 289 21.37 0.64 1.39
CA LEU A 289 21.21 -0.50 0.49
C LEU A 289 22.35 -1.50 0.59
N ARG A 290 23.57 -0.99 0.63
CA ARG A 290 24.74 -1.85 0.73
C ARG A 290 24.76 -2.58 2.06
N THR A 291 24.36 -1.88 3.12
CA THR A 291 24.32 -2.47 4.45
C THR A 291 23.27 -3.56 4.49
N LEU A 292 22.13 -3.31 3.87
CA LEU A 292 21.06 -4.29 3.81
C LEU A 292 21.50 -5.51 3.03
N ALA A 293 22.22 -5.29 1.93
CA ALA A 293 22.69 -6.40 1.11
C ALA A 293 23.61 -7.29 1.94
N ASP A 294 24.54 -6.67 2.66
CA ASP A 294 25.47 -7.42 3.49
C ASP A 294 24.70 -8.19 4.54
N ARG A 295 23.68 -7.56 5.11
CA ARG A 295 22.87 -8.20 6.13
C ARG A 295 22.15 -9.42 5.60
N LEU A 296 21.62 -9.31 4.37
CA LEU A 296 20.92 -10.43 3.75
C LEU A 296 21.82 -11.63 3.59
N GLU A 297 23.08 -11.38 3.24
CA GLU A 297 24.05 -12.46 3.06
C GLU A 297 24.71 -12.79 4.40
N GLY A 298 24.58 -11.88 5.35
CA GLY A 298 25.17 -12.08 6.67
C GLY A 298 24.49 -13.11 7.55
N THR A 299 23.21 -13.36 7.33
CA THR A 299 22.48 -14.34 8.14
C THR A 299 21.28 -14.90 7.40
N LYS A 300 21.02 -16.19 7.60
CA LYS A 300 19.89 -16.84 6.95
C LYS A 300 18.63 -16.54 7.76
N GLU A 301 18.36 -15.25 7.97
CA GLU A 301 17.21 -14.78 8.73
C GLU A 301 15.88 -15.22 8.14
N LEU A 302 14.82 -15.01 8.92
CA LEU A 302 13.46 -15.33 8.49
C LEU A 302 12.75 -13.99 8.58
N LEU A 303 12.36 -13.44 7.44
CA LEU A 303 11.72 -12.13 7.40
C LEU A 303 10.22 -12.16 7.18
N SER A 304 9.53 -11.09 7.59
CA SER A 304 8.10 -10.99 7.43
C SER A 304 7.84 -10.81 5.94
N SER A 305 6.72 -11.33 5.46
CA SER A 305 6.40 -11.24 4.05
C SER A 305 4.93 -11.04 3.80
N ASP A 306 4.57 -9.86 3.33
CA ASP A 306 3.18 -9.58 3.03
C ASP A 306 2.74 -10.44 1.86
N MET A 307 3.67 -10.76 0.95
CA MET A 307 3.32 -11.59 -0.20
C MET A 307 2.88 -12.99 0.27
N LYS A 308 3.61 -13.56 1.22
CA LYS A 308 3.26 -14.87 1.73
C LYS A 308 1.88 -14.87 2.33
N LYS A 309 1.59 -13.83 3.11
CA LYS A 309 0.31 -13.70 3.79
C LYS A 309 -0.83 -13.48 2.79
N ASP A 310 -0.59 -12.66 1.79
CA ASP A 310 -1.62 -12.40 0.79
C ASP A 310 -1.96 -13.71 0.08
N PHE A 311 -0.95 -14.50 -0.22
CA PHE A 311 -1.16 -15.74 -0.91
C PHE A 311 -1.99 -16.76 -0.10
N ILE A 312 -1.53 -17.03 1.13
CA ILE A 312 -2.17 -18.02 1.99
C ILE A 312 -3.62 -17.68 2.36
N MET A 313 -3.91 -16.39 2.52
CA MET A 313 -5.25 -15.98 2.89
C MET A 313 -6.25 -15.92 1.73
N HIS A 314 -5.79 -15.83 0.49
CA HIS A 314 -6.72 -15.71 -0.63
C HIS A 314 -6.79 -16.87 -1.61
N ARG A 315 -5.95 -17.87 -1.41
CA ARG A 315 -5.96 -19.02 -2.30
C ARG A 315 -7.11 -19.99 -2.04
N LEU A 316 -7.27 -20.93 -2.95
CA LEU A 316 -8.33 -21.92 -2.81
C LEU A 316 -8.00 -22.99 -1.78
N PRO A 317 -9.02 -23.58 -1.14
CA PRO A 317 -8.79 -24.63 -0.15
C PRO A 317 -8.58 -25.91 -0.93
N PRO A 318 -8.06 -26.96 -0.29
CA PRO A 318 -7.85 -28.22 -1.01
C PRO A 318 -9.16 -28.72 -1.63
N TYR A 319 -9.07 -29.31 -2.82
CA TYR A 319 -10.26 -29.85 -3.47
C TYR A 319 -10.89 -30.96 -2.63
N SER A 320 -12.18 -30.84 -2.36
CA SER A 320 -12.89 -31.86 -1.58
C SER A 320 -14.05 -32.44 -2.37
N ALA A 321 -14.02 -33.75 -2.58
CA ALA A 321 -15.08 -34.44 -3.32
C ALA A 321 -16.39 -34.23 -2.57
N GLY A 322 -16.39 -34.55 -1.28
CA GLY A 322 -17.57 -34.38 -0.46
C GLY A 322 -17.42 -33.11 0.36
N ASP A 323 -17.68 -33.21 1.66
CA ASP A 323 -17.56 -32.05 2.55
C ASP A 323 -16.12 -31.96 3.04
N GLY A 324 -15.77 -30.82 3.63
CA GLY A 324 -14.42 -30.64 4.14
C GLY A 324 -14.22 -31.33 5.48
N ALA A 325 -14.35 -32.65 5.49
CA ALA A 325 -14.18 -33.43 6.70
C ALA A 325 -12.71 -33.48 7.15
N GLU A 326 -11.88 -34.17 6.36
CA GLU A 326 -10.45 -34.30 6.68
C GLU A 326 -9.71 -32.97 6.55
N LEU A 327 -10.45 -31.89 6.34
CA LEU A 327 -9.84 -30.58 6.20
C LEU A 327 -10.05 -29.71 7.43
N SER A 328 -10.96 -30.14 8.31
CA SER A 328 -11.24 -29.38 9.53
C SER A 328 -11.34 -30.29 10.74
N THR A 329 -11.68 -31.56 10.50
CA THR A 329 -11.81 -32.52 11.59
C THR A 329 -10.72 -33.58 11.55
N PRO A 330 -9.82 -33.58 12.54
CA PRO A 330 -8.72 -34.56 12.61
C PRO A 330 -9.27 -35.98 12.72
N GLY A 331 -8.68 -36.89 11.95
CA GLY A 331 -9.13 -38.27 11.98
C GLY A 331 -8.02 -39.24 12.34
N GLY A 332 -8.34 -40.53 12.35
CA GLY A 332 -7.35 -41.54 12.67
C GLY A 332 -7.04 -41.66 14.15
N LYS A 333 -5.76 -41.66 14.49
CA LYS A 333 -5.32 -41.77 15.87
C LYS A 333 -4.47 -40.57 16.30
N LEU A 334 -4.61 -40.18 17.57
CA LEU A 334 -3.85 -39.04 18.09
C LEU A 334 -2.37 -39.41 18.18
N PRO A 335 -1.49 -38.52 17.70
CA PRO A 335 -0.04 -38.76 17.72
C PRO A 335 0.52 -38.76 19.14
N ARG A 336 1.56 -39.57 19.35
CA ARG A 336 2.22 -39.68 20.65
C ARG A 336 3.73 -39.59 20.47
N LEU A 337 4.45 -39.50 21.59
CA LEU A 337 5.90 -39.41 21.55
C LEU A 337 6.55 -40.60 20.85
N ASP A 338 5.83 -41.70 20.72
CA ASP A 338 6.37 -42.89 20.09
C ASP A 338 5.81 -43.13 18.69
N SER A 339 5.10 -42.15 18.17
CA SER A 339 4.48 -42.27 16.86
C SER A 339 5.38 -41.78 15.73
N VAL A 340 5.02 -42.18 14.52
CA VAL A 340 5.74 -41.75 13.32
C VAL A 340 4.75 -40.85 12.56
N VAL A 341 5.09 -39.57 12.44
CA VAL A 341 4.20 -38.63 11.76
C VAL A 341 4.61 -38.21 10.36
N ARG A 342 3.62 -37.81 9.57
CA ARG A 342 3.85 -37.37 8.20
C ARG A 342 3.02 -36.10 7.95
N LEU A 343 3.66 -35.06 7.44
CA LEU A 343 3.00 -33.80 7.16
C LEU A 343 1.98 -33.95 6.01
N GLN A 344 0.82 -33.33 6.17
CA GLN A 344 -0.23 -33.39 5.14
C GLN A 344 -0.52 -32.01 4.59
N PHE A 345 -0.98 -31.94 3.34
CA PHE A 345 -1.32 -30.67 2.71
C PHE A 345 -0.15 -29.71 2.77
N LYS A 346 1.05 -30.24 2.57
CA LYS A 346 2.28 -29.47 2.60
C LYS A 346 2.24 -28.19 1.73
N ASP A 347 1.67 -28.29 0.53
CA ASP A 347 1.64 -27.13 -0.35
C ASP A 347 0.57 -26.09 -0.02
N HIS A 348 -0.14 -26.32 1.09
CA HIS A 348 -1.20 -25.42 1.57
C HIS A 348 -0.78 -24.77 2.88
N ILE A 349 0.53 -24.70 3.12
CA ILE A 349 1.06 -24.13 4.36
C ILE A 349 2.22 -23.18 4.12
N VAL A 350 2.30 -22.10 4.90
CA VAL A 350 3.41 -21.17 4.81
C VAL A 350 3.94 -20.90 6.22
N LEU A 351 5.23 -20.57 6.31
CA LEU A 351 5.88 -20.26 7.58
C LEU A 351 6.47 -18.87 7.48
N THR A 352 6.21 -18.05 8.48
CA THR A 352 6.73 -16.69 8.47
C THR A 352 6.85 -16.18 9.91
N VAL A 353 7.07 -14.87 10.06
CA VAL A 353 7.17 -14.21 11.35
C VAL A 353 6.40 -12.89 11.25
N LEU A 354 5.90 -12.39 12.38
CA LEU A 354 5.16 -11.13 12.39
C LEU A 354 6.08 -9.95 12.68
N PRO A 355 5.68 -8.75 12.23
CA PRO A 355 6.45 -7.52 12.42
C PRO A 355 6.43 -7.06 13.87
N ALA A 363 5.90 -10.94 23.77
CA ALA A 363 6.57 -12.23 23.82
C ALA A 363 8.08 -12.06 23.98
N GLN A 364 8.66 -12.77 24.95
CA GLN A 364 10.09 -12.69 25.20
C GLN A 364 10.88 -13.11 23.96
N GLU A 365 10.73 -14.38 23.57
CA GLU A 365 11.43 -14.91 22.40
C GLU A 365 10.61 -14.69 21.13
N LYS A 366 11.28 -14.49 20.01
CA LYS A 366 10.59 -14.28 18.74
C LYS A 366 9.83 -15.55 18.37
N MET A 367 8.65 -15.39 17.80
CA MET A 367 7.82 -16.52 17.41
C MET A 367 7.78 -16.74 15.90
N VAL A 368 7.45 -17.97 15.53
CA VAL A 368 7.33 -18.37 14.14
C VAL A 368 5.88 -18.76 13.95
N TYR A 369 5.24 -18.21 12.93
CA TYR A 369 3.83 -18.49 12.68
C TYR A 369 3.62 -19.43 11.49
N ILE A 370 2.65 -20.32 11.64
CA ILE A 370 2.30 -21.28 10.60
C ILE A 370 0.86 -21.00 10.19
N TYR A 371 0.66 -20.70 8.90
CA TYR A 371 -0.66 -20.42 8.35
C TYR A 371 -0.96 -21.43 7.27
N HIS A 372 -2.23 -21.79 7.12
CA HIS A 372 -2.63 -22.74 6.10
C HIS A 372 -3.96 -22.29 5.51
N SER A 373 -4.25 -22.80 4.33
CA SER A 373 -5.46 -22.43 3.62
C SER A 373 -6.53 -23.53 3.62
N LEU A 374 -6.41 -24.51 4.51
CA LEU A 374 -7.38 -25.61 4.56
C LEU A 374 -8.83 -25.16 4.76
N LYS A 375 -9.02 -24.05 5.46
CA LYS A 375 -10.36 -23.54 5.72
C LYS A 375 -10.73 -22.32 4.88
N ASN A 376 -9.95 -22.04 3.84
CA ASN A 376 -10.26 -20.91 2.97
C ASN A 376 -11.56 -21.14 2.24
N SER A 377 -12.25 -20.07 1.92
CA SER A 377 -13.52 -20.15 1.20
C SER A 377 -13.35 -20.25 -0.30
N ARG A 378 -13.97 -21.26 -0.89
CA ARG A 378 -13.92 -21.46 -2.32
C ARG A 378 -14.83 -20.44 -3.03
N GLU A 379 -15.96 -20.12 -2.38
CA GLU A 379 -16.96 -19.22 -2.96
C GLU A 379 -16.53 -17.78 -3.16
N THR A 380 -15.52 -17.33 -2.44
CA THR A 380 -15.05 -15.96 -2.57
C THR A 380 -13.67 -15.85 -3.21
N HIS A 381 -13.17 -16.96 -3.75
CA HIS A 381 -11.85 -16.98 -4.38
C HIS A 381 -11.69 -15.90 -5.45
N MET A 382 -10.67 -15.07 -5.27
CA MET A 382 -10.33 -14.00 -6.21
C MET A 382 -11.40 -12.94 -6.39
N MET A 383 -12.38 -12.91 -5.49
CA MET A 383 -13.46 -11.93 -5.58
C MET A 383 -13.15 -10.69 -4.74
N GLY A 384 -12.02 -10.74 -4.05
CA GLY A 384 -11.60 -9.61 -3.22
C GLY A 384 -12.64 -9.09 -2.25
N ASN A 385 -13.28 -9.99 -1.49
CA ASN A 385 -14.27 -9.58 -0.52
C ASN A 385 -13.60 -8.92 0.69
N GLU A 390 -9.10 -12.25 11.67
CA GLU A 390 -10.04 -13.32 11.35
C GLU A 390 -9.32 -14.53 10.77
N PHE A 391 -8.01 -14.40 10.56
CA PHE A 391 -7.21 -15.48 10.00
C PHE A 391 -6.16 -15.91 11.03
N HIS A 392 -6.48 -16.95 11.81
CA HIS A 392 -5.55 -17.44 12.83
C HIS A 392 -4.63 -18.54 12.32
N GLY A 393 -3.45 -18.61 12.91
CA GLY A 393 -2.47 -19.62 12.56
C GLY A 393 -1.84 -20.14 13.83
N LEU A 394 -0.95 -21.12 13.71
CA LEU A 394 -0.28 -21.68 14.86
C LEU A 394 0.96 -20.86 15.16
N ARG A 395 1.37 -20.85 16.43
CA ARG A 395 2.55 -20.11 16.87
C ARG A 395 3.55 -21.05 17.57
N PHE A 396 4.84 -20.86 17.32
CA PHE A 396 5.88 -21.67 17.93
C PHE A 396 7.11 -20.80 18.13
N PRO A 397 7.89 -21.05 19.19
CA PRO A 397 9.10 -20.25 19.42
C PRO A 397 10.11 -20.53 18.32
N LEU A 398 10.87 -19.50 17.94
CA LEU A 398 11.86 -19.62 16.89
C LEU A 398 12.82 -20.81 17.06
N SER A 399 12.96 -21.28 18.29
CA SER A 399 13.84 -22.42 18.59
C SER A 399 13.34 -23.71 17.95
N HIS A 400 12.07 -23.76 17.57
CA HIS A 400 11.47 -24.94 16.96
C HIS A 400 11.66 -25.01 15.45
N LEU A 401 12.30 -23.99 14.89
CA LEU A 401 12.49 -23.93 13.44
C LEU A 401 13.15 -25.16 12.85
N ASP A 402 14.26 -25.60 13.41
CA ASP A 402 14.96 -26.77 12.89
C ASP A 402 14.09 -28.02 12.92
N ALA A 403 13.18 -28.09 13.90
CA ALA A 403 12.28 -29.23 14.02
C ALA A 403 11.24 -29.16 12.91
N LEU A 404 10.77 -27.94 12.63
CA LEU A 404 9.79 -27.73 11.57
C LEU A 404 10.41 -28.10 10.24
N LYS A 405 11.67 -27.74 10.04
CA LYS A 405 12.35 -28.07 8.80
C LYS A 405 12.43 -29.59 8.66
N GLN A 406 12.59 -30.27 9.78
CA GLN A 406 12.68 -31.72 9.78
C GLN A 406 11.38 -32.32 9.28
N ILE A 407 10.26 -31.80 9.78
CA ILE A 407 8.95 -32.29 9.38
C ILE A 407 8.65 -31.94 7.92
N TRP A 408 9.07 -30.76 7.50
CA TRP A 408 8.96 -30.34 6.11
C TRP A 408 9.76 -31.11 5.12
N ASN A 409 11.00 -31.41 5.47
CA ASN A 409 11.93 -32.09 4.55
C ASN A 409 12.01 -33.59 4.75
N SER A 410 10.95 -34.19 5.27
CA SER A 410 10.93 -35.62 5.52
C SER A 410 9.61 -36.27 5.16
N PRO A 411 9.65 -37.40 4.46
CA PRO A 411 8.43 -38.11 4.05
C PRO A 411 7.65 -38.51 5.29
N ALA A 412 8.36 -39.13 6.23
CA ALA A 412 7.81 -39.57 7.50
C ALA A 412 8.91 -39.44 8.54
N ILE A 413 8.56 -38.96 9.73
CA ILE A 413 9.56 -38.79 10.77
C ILE A 413 9.04 -39.18 12.14
N SER A 414 9.91 -39.77 12.96
CA SER A 414 9.54 -40.19 14.30
C SER A 414 9.49 -38.97 15.21
N VAL A 415 8.42 -38.86 15.99
CA VAL A 415 8.25 -37.74 16.88
C VAL A 415 9.45 -37.56 17.83
N LYS A 416 10.06 -38.68 18.21
CA LYS A 416 11.20 -38.63 19.12
C LYS A 416 12.48 -38.14 18.46
N ASP A 417 12.54 -38.20 17.14
CA ASP A 417 13.73 -37.74 16.43
C ASP A 417 13.80 -36.23 16.23
N LEU A 418 12.72 -35.53 16.55
CA LEU A 418 12.69 -34.08 16.39
C LEU A 418 13.81 -33.40 17.17
N LYS A 419 14.46 -32.42 16.56
CA LYS A 419 15.56 -31.69 17.18
C LYS A 419 15.08 -30.72 18.25
N LEU A 420 14.54 -31.25 19.34
CA LEU A 420 14.07 -30.44 20.45
C LEU A 420 14.68 -30.95 21.75
N THR A 421 14.87 -30.06 22.71
CA THR A 421 15.48 -30.42 24.00
C THR A 421 14.64 -31.31 24.91
N THR A 422 13.32 -31.11 24.91
CA THR A 422 12.43 -31.91 25.76
C THR A 422 11.40 -32.71 24.96
N ASP A 423 10.96 -33.82 25.52
CA ASP A 423 9.97 -34.66 24.86
C ASP A 423 8.60 -34.01 24.86
N GLU A 424 8.34 -33.17 25.85
CA GLU A 424 7.06 -32.49 25.93
C GLU A 424 6.90 -31.54 24.76
N GLU A 425 8.01 -30.96 24.30
CA GLU A 425 7.98 -30.04 23.17
C GLU A 425 7.69 -30.82 21.91
N LYS A 426 8.32 -31.97 21.79
CA LYS A 426 8.12 -32.82 20.62
C LYS A 426 6.65 -33.19 20.46
N GLU A 427 6.04 -33.64 21.55
CA GLU A 427 4.65 -34.06 21.55
C GLU A 427 3.73 -32.87 21.31
N SER A 428 3.91 -31.83 22.11
CA SER A 428 3.11 -30.62 22.00
C SER A 428 3.11 -30.09 20.56
N LEU A 429 4.30 -29.93 20.00
CA LEU A 429 4.44 -29.45 18.62
C LEU A 429 3.58 -30.26 17.66
N VAL A 430 3.79 -31.58 17.66
CA VAL A 430 3.04 -32.46 16.77
C VAL A 430 1.54 -32.41 17.03
N LEU A 431 1.15 -32.29 18.30
CA LEU A 431 -0.27 -32.21 18.65
C LEU A 431 -0.90 -30.95 18.07
N SER A 432 -0.19 -29.83 18.21
CA SER A 432 -0.68 -28.57 17.69
C SER A 432 -0.92 -28.67 16.17
N LEU A 433 0.07 -29.15 15.44
CA LEU A 433 -0.06 -29.31 13.98
C LEU A 433 -1.18 -30.27 13.62
N TRP A 434 -1.32 -31.31 14.43
CA TRP A 434 -2.31 -32.33 14.21
C TRP A 434 -3.70 -31.81 14.30
N THR A 435 -3.94 -30.89 15.23
CA THR A 435 -5.26 -30.31 15.41
C THR A 435 -5.74 -29.53 14.18
N GLU A 436 -4.82 -29.15 13.31
CA GLU A 436 -5.18 -28.40 12.11
C GLU A 436 -5.22 -29.31 10.89
N CYS A 437 -5.22 -30.63 11.13
CA CYS A 437 -5.25 -31.63 10.06
C CYS A 437 -4.01 -31.58 9.19
N LEU A 438 -2.91 -31.11 9.77
CA LEU A 438 -1.65 -31.02 9.03
C LEU A 438 -0.75 -32.23 9.27
N ILE A 439 -1.19 -33.14 10.13
CA ILE A 439 -0.43 -34.34 10.47
C ILE A 439 -1.18 -35.66 10.27
N GLN A 440 -0.47 -36.64 9.73
CA GLN A 440 -1.03 -37.97 9.50
C GLN A 440 -0.16 -38.99 10.23
N VAL A 441 -0.76 -39.68 11.19
CA VAL A 441 -0.02 -40.68 11.96
C VAL A 441 0.04 -42.00 11.18
N VAL A 442 1.25 -42.36 10.76
CA VAL A 442 1.46 -43.60 10.01
C VAL A 442 1.95 -44.72 10.93
N SER B 8 8.16 38.02 21.75
CA SER B 8 7.45 36.72 22.00
C SER B 8 6.34 36.49 20.98
N ALA B 9 5.74 37.58 20.50
CA ALA B 9 4.67 37.50 19.52
C ALA B 9 5.14 36.73 18.29
N LEU B 10 4.26 35.89 17.76
CA LEU B 10 4.60 35.10 16.59
C LEU B 10 4.79 35.97 15.36
N ASN B 11 5.91 35.76 14.69
CA ASN B 11 6.22 36.51 13.48
C ASN B 11 5.86 35.67 12.25
N PHE B 12 4.83 36.10 11.52
CA PHE B 12 4.37 35.38 10.34
C PHE B 12 4.98 35.82 9.02
N ASP B 13 6.10 36.54 9.08
CA ASP B 13 6.77 37.01 7.87
C ASP B 13 7.28 35.85 7.01
N SER B 14 7.66 34.74 7.64
CA SER B 14 8.16 33.57 6.91
C SER B 14 8.07 32.33 7.79
N PRO B 15 8.19 31.14 7.17
CA PRO B 15 8.11 29.88 7.90
C PRO B 15 9.16 29.83 9.00
N SER B 16 10.36 30.26 8.66
CA SER B 16 11.48 30.28 9.61
C SER B 16 11.25 31.22 10.77
N SER B 17 10.76 32.43 10.47
CA SER B 17 10.51 33.41 11.51
C SER B 17 9.41 32.90 12.44
N LEU B 18 8.44 32.19 11.86
CA LEU B 18 7.36 31.68 12.68
C LEU B 18 7.87 30.67 13.69
N PHE B 19 8.57 29.65 13.19
CA PHE B 19 9.10 28.61 14.07
C PHE B 19 10.05 29.20 15.08
N GLU B 20 10.84 30.18 14.66
CA GLU B 20 11.80 30.82 15.56
C GLU B 20 11.07 31.49 16.72
N SER B 21 10.00 32.21 16.41
CA SER B 21 9.25 32.91 17.45
C SER B 21 8.49 31.90 18.31
N LEU B 22 7.96 30.88 17.66
CA LEU B 22 7.20 29.84 18.35
C LEU B 22 7.98 29.23 19.50
N ILE B 23 9.27 29.01 19.31
CA ILE B 23 10.09 28.41 20.36
C ILE B 23 10.92 29.40 21.15
N SER B 24 10.74 30.70 20.94
CA SER B 24 11.59 31.67 21.62
C SER B 24 11.41 31.54 23.13
N PRO B 25 12.47 31.73 23.91
CA PRO B 25 13.77 32.28 23.53
C PRO B 25 14.79 31.26 23.07
N ILE B 26 14.33 30.04 22.78
CA ILE B 26 15.23 28.98 22.34
C ILE B 26 15.61 29.19 20.86
N LYS B 27 16.90 29.14 20.56
CA LYS B 27 17.38 29.31 19.19
C LYS B 27 17.16 28.02 18.37
N THR B 28 16.81 28.18 17.10
CA THR B 28 16.57 27.02 16.24
C THR B 28 17.82 26.14 16.13
N GLU B 29 18.99 26.77 16.11
CA GLU B 29 20.24 26.04 16.00
C GLU B 29 20.39 25.10 17.18
N THR B 30 19.95 25.55 18.35
CA THR B 30 20.03 24.75 19.55
C THR B 30 18.98 23.64 19.53
N PHE B 31 17.77 24.00 19.10
CA PHE B 31 16.66 23.06 19.04
C PHE B 31 16.98 21.82 18.21
N PHE B 32 17.54 22.03 17.02
CA PHE B 32 17.86 20.93 16.13
C PHE B 32 19.12 20.18 16.48
N LYS B 33 20.02 20.82 17.20
CA LYS B 33 21.26 20.18 17.58
C LYS B 33 21.15 19.36 18.86
N GLU B 34 20.26 19.74 19.76
CA GLU B 34 20.12 19.02 21.03
C GLU B 34 18.76 18.41 21.36
N PHE B 35 17.69 18.97 20.83
CA PHE B 35 16.37 18.48 21.16
C PHE B 35 15.60 17.71 20.08
N TRP B 36 15.53 18.28 18.88
CA TRP B 36 14.80 17.64 17.79
C TRP B 36 15.12 16.16 17.69
N GLU B 37 14.08 15.34 17.83
CA GLU B 37 14.19 13.89 17.76
C GLU B 37 15.17 13.28 18.75
N GLN B 38 15.48 13.99 19.83
CA GLN B 38 16.42 13.49 20.82
C GLN B 38 15.81 13.43 22.21
N LYS B 39 15.39 14.58 22.72
CA LYS B 39 14.80 14.66 24.06
C LYS B 39 13.80 15.80 24.20
N PRO B 40 12.93 15.73 25.23
CA PRO B 40 11.90 16.73 25.50
C PRO B 40 12.45 18.14 25.74
N LEU B 41 11.61 19.13 25.48
CA LEU B 41 12.00 20.53 25.68
C LEU B 41 10.82 21.27 26.29
N LEU B 42 11.02 21.76 27.51
CA LEU B 42 9.98 22.51 28.20
C LEU B 42 10.32 24.00 28.14
N ILE B 43 9.42 24.79 27.59
CA ILE B 43 9.66 26.23 27.50
C ILE B 43 8.65 26.95 28.40
N GLN B 44 9.08 27.31 29.60
CA GLN B 44 8.21 28.02 30.54
C GLN B 44 8.44 29.52 30.37
N ARG B 45 7.36 30.28 30.26
CA ARG B 45 7.48 31.71 30.09
C ARG B 45 6.66 32.50 31.09
N ASP B 46 7.00 33.78 31.24
CA ASP B 46 6.30 34.69 32.13
C ASP B 46 5.94 35.88 31.25
N ASP B 47 5.22 35.57 30.18
CA ASP B 47 4.79 36.57 29.20
C ASP B 47 3.26 36.63 29.19
N PRO B 48 2.67 37.52 30.01
CA PRO B 48 1.22 37.66 30.08
C PRO B 48 0.55 37.90 28.73
N ALA B 49 1.25 38.57 27.82
CA ALA B 49 0.71 38.84 26.48
C ALA B 49 0.61 37.53 25.71
N LEU B 50 1.68 36.75 25.73
CA LEU B 50 1.73 35.46 25.06
C LEU B 50 0.68 34.52 25.64
N ALA B 51 0.57 34.53 26.96
CA ALA B 51 -0.42 33.71 27.64
C ALA B 51 -1.81 34.10 27.15
N THR B 52 -1.99 35.39 26.87
CA THR B 52 -3.28 35.89 26.39
C THR B 52 -3.48 35.46 24.94
N TYR B 53 -2.41 35.53 24.17
CA TYR B 53 -2.46 35.12 22.77
C TYR B 53 -2.81 33.63 22.68
N TYR B 54 -2.12 32.80 23.45
CA TYR B 54 -2.36 31.35 23.45
C TYR B 54 -3.84 31.08 23.75
N GLY B 55 -4.40 31.86 24.67
CA GLY B 55 -5.79 31.68 25.02
C GLY B 55 -6.73 31.97 23.87
N SER B 56 -6.26 32.73 22.88
CA SER B 56 -7.09 33.07 21.74
C SER B 56 -7.06 31.99 20.67
N LEU B 57 -6.19 31.00 20.85
CA LEU B 57 -6.09 29.93 19.86
C LEU B 57 -7.29 29.00 19.88
N PHE B 58 -7.73 28.63 21.08
CA PHE B 58 -8.88 27.75 21.22
C PHE B 58 -9.32 27.68 22.67
N LYS B 59 -10.63 27.70 22.88
CA LYS B 59 -11.19 27.62 24.22
C LYS B 59 -12.47 26.81 24.24
N LEU B 60 -12.80 26.26 25.41
CA LEU B 60 -13.99 25.44 25.59
C LEU B 60 -15.27 26.02 24.98
N THR B 61 -15.45 27.33 25.13
CA THR B 61 -16.65 27.98 24.62
C THR B 61 -16.73 28.09 23.09
N ASP B 62 -15.62 27.85 22.41
CA ASP B 62 -15.61 27.92 20.95
C ASP B 62 -16.47 26.82 20.34
N LEU B 63 -16.65 25.73 21.08
CA LEU B 63 -17.44 24.60 20.61
C LEU B 63 -18.90 25.01 20.45
N LYS B 64 -19.29 26.06 21.15
CA LYS B 64 -20.65 26.56 21.12
C LYS B 64 -20.95 26.98 19.68
N SER B 65 -20.06 27.80 19.12
CA SER B 65 -20.21 28.27 17.75
C SER B 65 -19.96 27.12 16.77
N LEU B 66 -18.95 26.30 17.08
CA LEU B 66 -18.58 25.17 16.24
C LEU B 66 -19.72 24.17 16.08
N CYS B 67 -20.38 23.83 17.18
CA CYS B 67 -21.49 22.88 17.14
C CYS B 67 -22.69 23.43 16.40
N SER B 68 -22.83 24.76 16.40
CA SER B 68 -23.94 25.39 15.68
C SER B 68 -23.69 25.21 14.20
N ARG B 69 -22.41 25.17 13.82
CA ARG B 69 -22.02 24.87 12.45
C ARG B 69 -22.43 23.46 12.10
N GLY B 70 -22.28 22.57 13.08
CA GLY B 70 -22.57 21.15 12.93
C GLY B 70 -21.30 20.32 12.98
N MET B 71 -21.11 19.67 14.12
CA MET B 71 -19.92 18.90 14.41
C MET B 71 -20.34 17.48 14.70
N TYR B 72 -19.64 16.52 14.11
CA TYR B 72 -19.99 15.12 14.27
C TYR B 72 -19.04 14.36 15.19
N TYR B 73 -19.60 13.43 15.97
CA TYR B 73 -18.80 12.62 16.88
C TYR B 73 -17.88 11.74 16.04
N GLY B 74 -16.72 11.42 16.59
CA GLY B 74 -15.77 10.59 15.86
C GLY B 74 -15.01 11.38 14.83
N ARG B 75 -15.74 11.98 13.89
CA ARG B 75 -15.16 12.80 12.84
C ARG B 75 -14.50 14.05 13.40
N ASP B 76 -15.29 14.91 14.04
CA ASP B 76 -14.78 16.15 14.59
C ASP B 76 -14.46 16.12 16.08
N VAL B 77 -15.33 15.51 16.87
CA VAL B 77 -15.12 15.45 18.31
C VAL B 77 -15.20 14.06 18.92
N ASN B 78 -14.41 13.84 19.98
CA ASN B 78 -14.39 12.58 20.69
C ASN B 78 -14.44 12.81 22.19
N VAL B 79 -15.32 12.08 22.88
CA VAL B 79 -15.45 12.20 24.33
C VAL B 79 -14.87 10.96 24.99
N CYS B 80 -13.91 11.15 25.90
CA CYS B 80 -13.27 10.01 26.55
C CYS B 80 -12.97 10.27 28.02
N ARG B 81 -12.46 9.23 28.68
CA ARG B 81 -12.11 9.29 30.08
C ARG B 81 -11.32 8.04 30.44
N CYS B 82 -10.29 8.23 31.22
CA CYS B 82 -9.40 7.15 31.55
C CYS B 82 -9.90 6.39 32.76
N VAL B 83 -10.23 5.13 32.53
CA VAL B 83 -10.54 4.21 33.60
C VAL B 83 -9.64 2.98 33.47
N ASN B 84 -8.94 2.64 34.54
CA ASN B 84 -8.14 1.42 34.56
C ASN B 84 -7.07 1.26 33.49
N GLY B 85 -6.37 2.32 33.15
CA GLY B 85 -5.28 2.19 32.19
C GLY B 85 -5.79 2.12 30.77
N LYS B 86 -7.11 2.28 30.62
CA LYS B 86 -7.73 2.24 29.30
C LYS B 86 -8.63 3.45 29.09
N LYS B 87 -8.97 3.71 27.84
CA LYS B 87 -9.82 4.85 27.49
C LYS B 87 -11.27 4.44 27.26
N LYS B 88 -12.16 4.94 28.11
CA LYS B 88 -13.59 4.65 27.99
C LYS B 88 -14.23 5.75 27.17
N VAL B 89 -14.78 5.39 26.02
CA VAL B 89 -15.42 6.36 25.13
C VAL B 89 -16.90 6.56 25.43
N LEU B 90 -17.30 7.83 25.49
CA LEU B 90 -18.70 8.19 25.74
C LEU B 90 -19.25 8.93 24.53
N ASN B 91 -19.04 8.36 23.35
CA ASN B 91 -19.50 8.97 22.11
C ASN B 91 -20.88 8.49 21.67
N LYS B 92 -21.67 9.43 21.19
CA LYS B 92 -23.01 9.12 20.69
C LYS B 92 -22.89 9.08 19.17
N ASP B 93 -23.79 8.37 18.51
CA ASP B 93 -23.74 8.25 17.05
C ASP B 93 -24.48 9.40 16.36
N GLY B 94 -23.73 10.32 15.76
CA GLY B 94 -24.37 11.41 15.05
C GLY B 94 -23.79 12.80 15.24
N LYS B 95 -24.67 13.78 15.33
CA LYS B 95 -24.30 15.19 15.50
C LYS B 95 -24.01 15.48 16.96
N ALA B 96 -22.99 16.29 17.22
CA ALA B 96 -22.63 16.65 18.59
C ALA B 96 -23.18 18.01 19.01
N HIS B 97 -23.99 18.01 20.06
CA HIS B 97 -24.57 19.24 20.59
C HIS B 97 -23.77 19.73 21.79
N PHE B 98 -23.44 21.01 21.78
CA PHE B 98 -22.66 21.63 22.84
C PHE B 98 -23.17 21.33 24.24
N LEU B 99 -24.48 21.28 24.41
CA LEU B 99 -25.06 21.00 25.71
C LEU B 99 -24.74 19.58 26.18
N GLN B 100 -24.77 18.63 25.24
CA GLN B 100 -24.47 17.23 25.56
C GLN B 100 -22.99 17.11 25.94
N LEU B 101 -22.13 17.77 25.18
CA LEU B 101 -20.71 17.74 25.45
C LEU B 101 -20.42 18.33 26.83
N ARG B 102 -21.05 19.48 27.09
CA ARG B 102 -20.88 20.17 28.36
C ARG B 102 -21.32 19.27 29.51
N LYS B 103 -22.35 18.47 29.25
CA LYS B 103 -22.86 17.53 30.24
C LYS B 103 -21.82 16.45 30.55
N ASP B 104 -21.36 15.77 29.50
CA ASP B 104 -20.36 14.71 29.65
C ASP B 104 -19.07 15.27 30.24
N PHE B 105 -18.85 16.56 30.01
CA PHE B 105 -17.66 17.23 30.51
C PHE B 105 -17.72 17.58 32.01
N ASP B 106 -18.69 18.41 32.38
CA ASP B 106 -18.84 18.85 33.77
C ASP B 106 -19.41 17.80 34.73
N GLN B 107 -20.29 16.95 34.23
CA GLN B 107 -20.92 15.94 35.08
C GLN B 107 -20.18 14.60 35.13
N LYS B 108 -19.81 14.06 33.97
CA LYS B 108 -19.12 12.78 33.93
C LYS B 108 -17.60 12.88 34.01
N ARG B 109 -17.09 14.11 34.11
CA ARG B 109 -15.65 14.35 34.20
C ARG B 109 -14.92 13.78 33.00
N ALA B 110 -15.52 13.88 31.82
CA ALA B 110 -14.90 13.36 30.60
C ALA B 110 -14.07 14.43 29.87
N THR B 111 -13.02 13.97 29.20
CA THR B 111 -12.15 14.88 28.45
C THR B 111 -12.68 14.98 27.01
N ILE B 112 -12.63 16.18 26.45
CA ILE B 112 -13.09 16.40 25.09
C ILE B 112 -11.88 16.53 24.17
N GLN B 113 -11.95 15.92 22.99
CA GLN B 113 -10.85 15.97 22.03
C GLN B 113 -11.40 16.41 20.69
N PHE B 114 -10.99 17.59 20.23
CA PHE B 114 -11.46 18.10 18.95
C PHE B 114 -10.38 17.85 17.89
N HIS B 115 -10.79 17.26 16.77
CA HIS B 115 -9.88 16.94 15.68
C HIS B 115 -9.70 18.03 14.65
N GLN B 116 -8.44 18.31 14.32
CA GLN B 116 -8.07 19.31 13.32
C GLN B 116 -8.84 20.62 13.44
N PRO B 117 -8.59 21.38 14.52
CA PRO B 117 -9.28 22.65 14.73
C PRO B 117 -8.92 23.70 13.67
N GLN B 118 -7.77 23.51 13.00
CA GLN B 118 -7.31 24.44 11.98
C GLN B 118 -8.29 24.59 10.83
N ARG B 119 -9.21 23.63 10.70
CA ARG B 119 -10.22 23.69 9.65
C ARG B 119 -11.18 24.86 9.87
N PHE B 120 -11.27 25.36 11.10
CA PHE B 120 -12.19 26.44 11.42
C PHE B 120 -11.49 27.65 12.06
N LYS B 121 -10.47 27.40 12.86
CA LYS B 121 -9.73 28.47 13.51
C LYS B 121 -8.66 29.00 12.55
N ASP B 122 -8.75 30.28 12.22
CA ASP B 122 -7.80 30.88 11.28
C ASP B 122 -6.39 31.02 11.80
N GLU B 123 -6.24 31.21 13.11
CA GLU B 123 -4.92 31.38 13.69
C GLU B 123 -4.12 30.08 13.67
N LEU B 124 -4.77 28.97 14.00
CA LEU B 124 -4.12 27.66 14.02
C LEU B 124 -3.81 27.24 12.58
N TRP B 125 -4.62 27.72 11.65
CA TRP B 125 -4.41 27.41 10.24
C TRP B 125 -3.15 28.14 9.81
N ARG B 126 -3.12 29.44 10.09
CA ARG B 126 -1.97 30.28 9.75
C ARG B 126 -0.68 29.72 10.36
N ILE B 127 -0.78 29.15 11.56
CA ILE B 127 0.38 28.57 12.23
C ILE B 127 0.81 27.25 11.61
N GLN B 128 -0.10 26.28 11.58
CA GLN B 128 0.21 24.97 11.03
C GLN B 128 0.65 25.01 9.55
N GLU B 129 0.07 25.91 8.76
CA GLU B 129 0.44 26.01 7.35
C GLU B 129 1.91 26.43 7.23
N LYS B 130 2.31 27.42 8.02
CA LYS B 130 3.70 27.88 8.01
C LYS B 130 4.63 26.75 8.50
N LEU B 131 4.12 25.90 9.40
CA LEU B 131 4.93 24.80 9.94
C LEU B 131 5.07 23.69 8.90
N GLU B 132 4.05 23.50 8.07
CA GLU B 132 4.12 22.48 7.03
C GLU B 132 5.21 22.90 6.05
N CYS B 133 5.28 24.20 5.77
CA CYS B 133 6.29 24.77 4.86
C CYS B 133 7.69 24.63 5.47
N TYR B 134 7.80 24.91 6.76
CA TYR B 134 9.08 24.83 7.46
C TYR B 134 9.62 23.41 7.54
N PHE B 135 8.77 22.47 7.93
CA PHE B 135 9.18 21.08 8.06
C PHE B 135 9.14 20.26 6.76
N GLY B 136 8.26 20.63 5.83
CA GLY B 136 8.15 19.88 4.59
C GLY B 136 7.43 18.56 4.90
N SER B 137 6.48 18.64 5.84
CA SER B 137 5.70 17.47 6.29
C SER B 137 4.31 17.96 6.71
N LEU B 138 3.33 17.06 6.67
CA LEU B 138 1.98 17.42 7.07
C LEU B 138 1.95 17.76 8.57
N VAL B 139 1.14 18.75 8.92
CA VAL B 139 1.05 19.18 10.31
C VAL B 139 -0.40 19.24 10.78
N GLY B 140 -0.81 18.25 11.56
CA GLY B 140 -2.17 18.24 12.08
C GLY B 140 -2.18 18.68 13.54
N SER B 141 -3.34 18.66 14.18
CA SER B 141 -3.41 19.03 15.59
C SER B 141 -4.72 18.55 16.19
N ASN B 142 -4.68 18.28 17.49
CA ASN B 142 -5.83 17.84 18.25
C ASN B 142 -5.93 18.70 19.50
N VAL B 143 -7.14 19.13 19.83
CA VAL B 143 -7.37 19.94 21.02
C VAL B 143 -7.86 19.02 22.13
N TYR B 144 -7.27 19.17 23.31
CA TYR B 144 -7.64 18.34 24.45
C TYR B 144 -8.14 19.23 25.60
N ILE B 145 -9.41 19.03 25.98
CA ILE B 145 -10.02 19.80 27.05
C ILE B 145 -10.38 18.86 28.19
N THR B 146 -9.69 19.01 29.30
CA THR B 146 -9.90 18.14 30.45
C THR B 146 -10.38 18.91 31.69
N PRO B 147 -11.45 18.41 32.32
CA PRO B 147 -12.01 19.06 33.52
C PRO B 147 -11.07 18.91 34.73
N ALA B 148 -11.20 19.84 35.68
CA ALA B 148 -10.37 19.84 36.88
C ALA B 148 -10.41 18.51 37.63
N GLY B 149 -9.27 18.15 38.24
CA GLY B 149 -9.18 16.92 39.00
C GLY B 149 -9.54 15.65 38.25
N SER B 150 -9.03 15.51 37.03
CA SER B 150 -9.32 14.33 36.24
C SER B 150 -8.20 14.06 35.25
N GLN B 151 -8.32 12.95 34.53
CA GLN B 151 -7.33 12.56 33.52
C GLN B 151 -8.09 11.99 32.32
N GLY B 152 -7.76 12.47 31.12
CA GLY B 152 -8.44 12.02 29.92
C GLY B 152 -7.90 10.75 29.28
N LEU B 153 -6.59 10.54 29.35
CA LEU B 153 -5.98 9.36 28.75
C LEU B 153 -4.95 8.68 29.64
N PRO B 154 -4.74 7.37 29.45
CA PRO B 154 -3.77 6.61 30.23
C PRO B 154 -2.38 6.82 29.63
N PRO B 155 -1.32 6.43 30.36
CA PRO B 155 0.03 6.62 29.82
C PRO B 155 0.20 5.94 28.46
N HIS B 156 0.92 6.61 27.57
CA HIS B 156 1.15 6.06 26.23
C HIS B 156 2.21 6.87 25.50
N TYR B 157 2.33 6.62 24.19
CA TYR B 157 3.25 7.35 23.34
C TYR B 157 2.68 7.37 21.92
N ASP B 158 3.05 8.37 21.14
CA ASP B 158 2.53 8.49 19.78
C ASP B 158 3.62 8.33 18.72
N ASP B 159 3.21 8.33 17.46
CA ASP B 159 4.12 8.14 16.34
C ASP B 159 4.49 9.42 15.62
N VAL B 160 4.34 10.56 16.28
CA VAL B 160 4.63 11.85 15.67
C VAL B 160 5.42 12.81 16.56
N GLU B 161 6.03 13.82 15.95
CA GLU B 161 6.76 14.84 16.69
C GLU B 161 5.68 15.84 17.13
N VAL B 162 5.70 16.23 18.40
CA VAL B 162 4.68 17.16 18.88
C VAL B 162 5.13 18.46 19.54
N PHE B 163 4.32 19.49 19.36
CA PHE B 163 4.57 20.79 19.94
C PHE B 163 3.27 21.06 20.66
N ILE B 164 3.33 21.05 21.99
CA ILE B 164 2.14 21.28 22.81
C ILE B 164 2.07 22.71 23.35
N LEU B 165 0.95 23.36 23.10
CA LEU B 165 0.71 24.71 23.58
C LEU B 165 -0.44 24.75 24.60
N GLN B 166 -0.10 25.12 25.84
CA GLN B 166 -1.08 25.23 26.93
C GLN B 166 -1.93 26.47 26.67
N LEU B 167 -3.20 26.27 26.37
CA LEU B 167 -4.12 27.37 26.07
C LEU B 167 -4.85 27.90 27.30
N GLU B 168 -5.51 27.00 28.03
CA GLU B 168 -6.26 27.38 29.22
C GLU B 168 -5.88 26.55 30.43
N GLY B 169 -5.85 27.20 31.60
CA GLY B 169 -5.53 26.53 32.84
C GLY B 169 -4.16 25.88 32.90
N GLU B 170 -3.97 25.01 33.89
CA GLU B 170 -2.71 24.31 34.07
C GLU B 170 -2.93 22.81 33.94
N LYS B 171 -1.83 22.06 33.79
CA LYS B 171 -1.92 20.62 33.68
C LYS B 171 -0.63 19.96 34.11
N HIS B 172 -0.77 18.90 34.90
CA HIS B 172 0.38 18.16 35.42
C HIS B 172 0.85 17.12 34.40
N TRP B 173 2.06 17.29 33.89
CA TRP B 173 2.63 16.37 32.91
C TRP B 173 3.77 15.51 33.45
N ARG B 174 3.80 14.25 33.02
CA ARG B 174 4.87 13.31 33.39
C ARG B 174 5.35 12.60 32.13
N LEU B 175 6.63 12.72 31.85
CA LEU B 175 7.24 12.10 30.69
C LEU B 175 8.17 11.01 31.16
N TYR B 176 8.17 9.89 30.44
CA TYR B 176 9.01 8.73 30.77
C TYR B 176 9.95 8.35 29.63
N HIS B 177 10.95 7.55 29.95
CA HIS B 177 11.89 7.09 28.94
C HIS B 177 11.11 6.26 27.94
N PRO B 178 11.42 6.41 26.65
CA PRO B 178 10.71 5.64 25.62
C PRO B 178 11.07 4.17 25.61
N THR B 179 10.07 3.32 25.41
CA THR B 179 10.31 1.88 25.33
C THR B 179 10.82 1.61 23.91
N VAL B 180 10.24 2.33 22.95
CA VAL B 180 10.62 2.20 21.54
C VAL B 180 11.07 3.57 21.05
N PRO B 181 12.38 3.84 21.08
CA PRO B 181 12.93 5.13 20.64
C PRO B 181 12.46 5.51 19.24
N LEU B 182 11.98 6.74 19.09
CA LEU B 182 11.49 7.24 17.80
C LEU B 182 10.61 6.19 17.15
N ALA B 183 9.56 5.81 17.85
CA ALA B 183 8.62 4.81 17.38
C ALA B 183 7.87 5.27 16.14
N ARG B 184 7.43 4.31 15.34
CA ARG B 184 6.69 4.59 14.11
C ARG B 184 5.24 4.16 14.27
N GLU B 185 4.90 3.74 15.48
CA GLU B 185 3.53 3.30 15.80
C GLU B 185 3.17 3.79 17.21
N CYS B 186 1.87 3.98 17.45
CA CYS B 186 1.41 4.43 18.75
C CYS B 186 1.08 3.23 19.62
N SER B 187 1.05 3.42 20.94
CA SER B 187 0.72 2.33 21.85
C SER B 187 0.53 2.77 23.28
N VAL B 188 -0.45 2.17 23.96
CA VAL B 188 -0.72 2.46 25.35
C VAL B 188 0.26 1.60 26.14
N GLU B 189 0.68 2.09 27.31
CA GLU B 189 1.61 1.35 28.13
C GLU B 189 1.08 1.11 29.53
N ALA B 190 1.50 0.01 30.15
CA ALA B 190 1.08 -0.31 31.51
C ALA B 190 1.82 0.62 32.47
N GLU B 191 1.08 1.18 33.42
CA GLU B 191 1.67 2.09 34.40
C GLU B 191 2.87 1.47 35.12
N GLU B 192 2.95 0.15 35.09
CA GLU B 192 4.04 -0.57 35.75
C GLU B 192 5.27 -0.84 34.89
N ARG B 193 5.13 -0.69 33.56
CA ARG B 193 6.23 -0.94 32.65
C ARG B 193 6.96 0.31 32.16
N ILE B 194 6.52 1.48 32.60
CA ILE B 194 7.13 2.74 32.18
C ILE B 194 8.19 3.28 33.13
N GLY B 195 8.23 2.73 34.34
CA GLY B 195 9.21 3.16 35.31
C GLY B 195 8.88 4.50 35.95
N ARG B 196 9.92 5.20 36.42
CA ARG B 196 9.74 6.49 37.04
C ARG B 196 9.86 7.63 36.03
N PRO B 197 9.07 8.69 36.21
CA PRO B 197 9.07 9.86 35.33
C PRO B 197 10.45 10.50 35.18
N VAL B 198 10.85 10.76 33.93
CA VAL B 198 12.13 11.40 33.68
C VAL B 198 11.92 12.90 33.82
N HIS B 199 10.70 13.32 33.51
CA HIS B 199 10.33 14.73 33.60
C HIS B 199 8.93 14.82 34.20
N GLU B 200 8.77 15.75 35.13
CA GLU B 200 7.47 15.99 35.76
C GLU B 200 7.37 17.50 35.95
N PHE B 201 6.26 18.08 35.51
CA PHE B 201 6.12 19.52 35.60
C PHE B 201 4.69 19.98 35.40
N MET B 202 4.48 21.29 35.56
CA MET B 202 3.16 21.89 35.39
C MET B 202 3.19 22.85 34.22
N LEU B 203 2.25 22.69 33.29
CA LEU B 203 2.18 23.58 32.14
C LEU B 203 1.12 24.65 32.40
N LYS B 204 1.46 25.91 32.18
CA LYS B 204 0.51 27.01 32.36
C LYS B 204 0.40 27.79 31.05
N PRO B 205 -0.73 28.50 30.84
CA PRO B 205 -0.94 29.28 29.62
C PRO B 205 0.31 30.02 29.15
N GLY B 206 0.63 29.87 27.87
CA GLY B 206 1.80 30.52 27.32
C GLY B 206 3.01 29.60 27.26
N ASP B 207 2.92 28.44 27.92
CA ASP B 207 4.01 27.48 27.94
C ASP B 207 3.97 26.56 26.71
N LEU B 208 5.14 26.14 26.25
CA LEU B 208 5.23 25.25 25.10
C LEU B 208 6.08 24.06 25.47
N LEU B 209 5.63 22.87 25.09
CA LEU B 209 6.34 21.64 25.38
C LEU B 209 6.54 20.81 24.10
N TYR B 210 7.79 20.42 23.83
CA TYR B 210 8.11 19.57 22.69
C TYR B 210 8.72 18.26 23.15
N PHE B 211 8.36 17.17 22.49
CA PHE B 211 9.00 15.88 22.76
C PHE B 211 8.87 14.99 21.53
N PRO B 212 9.94 14.24 21.23
CA PRO B 212 9.99 13.33 20.08
C PRO B 212 9.03 12.14 20.13
N ARG B 213 8.70 11.60 18.96
CA ARG B 213 7.82 10.44 18.87
C ARG B 213 8.44 9.32 19.69
N GLY B 214 7.61 8.54 20.37
CA GLY B 214 8.12 7.46 21.20
C GLY B 214 8.12 7.86 22.66
N THR B 215 8.18 9.16 22.94
CA THR B 215 8.18 9.67 24.33
C THR B 215 6.91 9.26 25.08
N ILE B 216 7.06 8.46 26.13
CA ILE B 216 5.89 8.02 26.90
C ILE B 216 5.44 9.15 27.82
N HIS B 217 4.14 9.43 27.83
CA HIS B 217 3.61 10.52 28.63
C HIS B 217 2.20 10.28 29.15
N GLN B 218 1.80 11.13 30.09
CA GLN B 218 0.47 11.11 30.68
C GLN B 218 0.29 12.40 31.46
N ALA B 219 -0.88 13.01 31.34
CA ALA B 219 -1.15 14.27 32.02
C ALA B 219 -2.49 14.28 32.73
N ASP B 220 -2.60 15.11 33.77
CA ASP B 220 -3.83 15.23 34.53
C ASP B 220 -4.05 16.66 35.04
N THR B 221 -5.29 17.12 34.98
CA THR B 221 -5.63 18.45 35.44
C THR B 221 -5.76 18.43 36.97
N PRO B 222 -5.01 19.28 37.67
CA PRO B 222 -5.06 19.35 39.13
C PRO B 222 -6.43 19.70 39.68
N ALA B 223 -6.67 19.34 40.94
CA ALA B 223 -7.95 19.61 41.60
C ALA B 223 -8.28 21.10 41.61
N GLY B 224 -9.56 21.42 41.48
CA GLY B 224 -9.97 22.81 41.49
C GLY B 224 -11.21 23.03 40.66
N LEU B 225 -11.35 24.24 40.13
CA LEU B 225 -12.51 24.58 39.31
C LEU B 225 -12.11 24.72 37.85
N ALA B 226 -10.98 25.38 37.61
CA ALA B 226 -10.47 25.63 36.26
C ALA B 226 -10.07 24.35 35.53
N HIS B 227 -10.49 24.25 34.27
CA HIS B 227 -10.17 23.09 33.45
C HIS B 227 -8.87 23.37 32.70
N SER B 228 -8.38 22.36 31.99
CA SER B 228 -7.16 22.51 31.22
C SER B 228 -7.45 22.39 29.73
N THR B 229 -6.85 23.27 28.95
CA THR B 229 -7.02 23.24 27.51
C THR B 229 -5.68 23.39 26.81
N HIS B 230 -5.31 22.42 25.97
CA HIS B 230 -4.07 22.53 25.23
C HIS B 230 -4.23 21.98 23.82
N VAL B 231 -3.40 22.49 22.91
CA VAL B 231 -3.46 22.02 21.53
C VAL B 231 -2.14 21.29 21.23
N THR B 232 -2.26 20.11 20.65
CA THR B 232 -1.10 19.30 20.31
C THR B 232 -0.91 19.37 18.80
N ILE B 233 0.14 20.06 18.38
CA ILE B 233 0.47 20.23 16.96
C ILE B 233 1.52 19.17 16.65
N SER B 234 1.17 18.23 15.77
CA SER B 234 2.06 17.14 15.40
C SER B 234 2.50 17.10 13.94
N THR B 235 3.68 16.54 13.71
CA THR B 235 4.22 16.42 12.36
C THR B 235 5.22 15.27 12.27
N TYR B 236 5.79 15.10 11.08
CA TYR B 236 6.74 14.05 10.84
C TYR B 236 6.22 12.62 11.07
N GLN B 237 4.99 12.34 10.63
CA GLN B 237 4.48 10.97 10.76
C GLN B 237 5.02 10.19 9.55
N ASN B 238 5.57 9.01 9.78
CA ASN B 238 6.10 8.19 8.67
C ASN B 238 6.96 9.02 7.74
N ASN B 239 7.93 9.72 8.30
CA ASN B 239 8.79 10.59 7.53
C ASN B 239 10.26 10.27 7.86
N SER B 240 10.52 9.01 8.18
CA SER B 240 11.86 8.57 8.51
C SER B 240 12.66 8.17 7.28
N TRP B 241 13.95 7.93 7.47
CA TRP B 241 14.82 7.48 6.38
C TRP B 241 14.32 6.12 5.85
N GLY B 242 13.77 5.28 6.71
CA GLY B 242 13.26 3.99 6.26
C GLY B 242 12.13 4.22 5.27
N ASP B 243 11.23 5.14 5.59
CA ASP B 243 10.12 5.47 4.71
C ASP B 243 10.68 6.03 3.39
N PHE B 244 11.62 6.96 3.47
CA PHE B 244 12.18 7.56 2.26
C PHE B 244 12.93 6.52 1.42
N LEU B 245 13.51 5.54 2.10
CA LEU B 245 14.25 4.49 1.41
C LEU B 245 13.27 3.67 0.58
N LEU B 246 12.21 3.18 1.19
CA LEU B 246 11.22 2.39 0.47
C LEU B 246 10.57 3.18 -0.66
N ASP B 247 10.36 4.47 -0.41
CA ASP B 247 9.77 5.36 -1.38
C ASP B 247 10.67 5.44 -2.61
N THR B 248 11.96 5.60 -2.36
CA THR B 248 12.95 5.71 -3.41
C THR B 248 13.11 4.39 -4.18
N ILE B 249 13.19 3.29 -3.45
CA ILE B 249 13.35 2.01 -4.10
C ILE B 249 12.13 1.69 -4.96
N SER B 250 10.92 1.97 -4.46
CA SER B 250 9.71 1.70 -5.23
C SER B 250 9.76 2.46 -6.55
N GLY B 251 10.25 3.70 -6.48
CA GLY B 251 10.36 4.53 -7.67
C GLY B 251 11.33 3.91 -8.65
N LEU B 252 12.49 3.48 -8.16
CA LEU B 252 13.50 2.85 -9.01
C LEU B 252 12.97 1.58 -9.65
N VAL B 253 12.36 0.72 -8.83
CA VAL B 253 11.84 -0.55 -9.32
C VAL B 253 10.72 -0.44 -10.35
N PHE B 254 9.74 0.40 -10.06
CA PHE B 254 8.61 0.56 -10.98
C PHE B 254 8.80 1.58 -12.11
N ASP B 255 9.83 2.41 -12.06
CA ASP B 255 10.06 3.39 -13.13
C ASP B 255 11.12 2.85 -14.09
N THR B 256 11.35 1.54 -14.05
CA THR B 256 12.33 0.89 -14.90
C THR B 256 11.92 0.93 -16.38
N ALA B 257 12.89 1.23 -17.24
CA ALA B 257 12.67 1.32 -18.68
C ALA B 257 12.04 0.05 -19.25
N LYS B 258 11.36 0.22 -20.37
CA LYS B 258 10.69 -0.89 -21.06
C LYS B 258 11.67 -1.99 -21.48
N GLU B 259 12.88 -1.60 -21.83
CA GLU B 259 13.90 -2.55 -22.29
C GLU B 259 14.67 -3.24 -21.15
N ASP B 260 14.39 -2.86 -19.91
CA ASP B 260 15.05 -3.45 -18.75
C ASP B 260 14.02 -4.35 -18.06
N VAL B 261 14.26 -5.65 -18.10
CA VAL B 261 13.29 -6.60 -17.56
C VAL B 261 13.65 -7.48 -16.35
N GLU B 262 14.89 -7.48 -15.91
CA GLU B 262 15.26 -8.31 -14.75
C GLU B 262 14.33 -8.21 -13.54
N LEU B 263 14.08 -7.00 -13.07
CA LEU B 263 13.19 -6.80 -11.92
C LEU B 263 11.75 -7.14 -12.22
N ARG B 264 11.43 -7.27 -13.52
CA ARG B 264 10.08 -7.60 -13.96
C ARG B 264 9.90 -9.12 -14.11
N THR B 265 11.00 -9.88 -14.11
CA THR B 265 10.86 -11.34 -14.24
C THR B 265 10.28 -11.95 -12.96
N GLY B 266 9.70 -13.14 -13.07
CA GLY B 266 9.07 -13.78 -11.92
C GLY B 266 9.99 -14.48 -10.93
N ILE B 267 9.59 -14.52 -9.65
CA ILE B 267 10.41 -15.23 -8.66
C ILE B 267 10.25 -16.73 -8.93
N PRO B 268 11.13 -17.56 -8.36
CA PRO B 268 11.06 -19.01 -8.57
C PRO B 268 9.71 -19.53 -8.09
N ARG B 269 9.19 -20.57 -8.73
CA ARG B 269 7.91 -21.08 -8.29
C ARG B 269 8.02 -21.68 -6.91
N GLN B 270 6.96 -21.56 -6.12
CA GLN B 270 6.89 -22.09 -4.77
C GLN B 270 7.82 -21.43 -3.75
N LEU B 271 8.49 -20.36 -4.15
CA LEU B 271 9.38 -19.65 -3.25
C LEU B 271 8.66 -19.23 -1.96
N LEU B 272 7.38 -18.87 -2.06
CA LEU B 272 6.62 -18.43 -0.87
C LEU B 272 6.26 -19.61 0.04
N LEU B 273 6.37 -20.82 -0.49
CA LEU B 273 6.06 -22.02 0.27
C LEU B 273 7.31 -22.55 1.00
N GLN B 274 8.47 -21.95 0.76
CA GLN B 274 9.70 -22.41 1.40
C GLN B 274 9.78 -22.12 2.90
N VAL B 275 10.42 -23.02 3.62
CA VAL B 275 10.55 -22.83 5.06
C VAL B 275 11.87 -22.16 5.42
N GLU B 276 12.65 -21.80 4.40
CA GLU B 276 13.94 -21.15 4.63
C GLU B 276 14.36 -20.38 3.40
N SER B 277 14.83 -19.15 3.60
CA SER B 277 15.28 -18.32 2.50
C SER B 277 16.38 -19.07 1.74
N THR B 278 16.11 -19.40 0.48
CA THR B 278 17.08 -20.11 -0.34
C THR B 278 18.32 -19.24 -0.49
N THR B 279 19.48 -19.88 -0.56
CA THR B 279 20.75 -19.17 -0.69
C THR B 279 20.86 -18.46 -2.04
N VAL B 280 20.17 -18.99 -3.04
CA VAL B 280 20.21 -18.42 -4.38
C VAL B 280 19.36 -17.16 -4.46
N ALA B 281 18.20 -17.18 -3.81
CA ALA B 281 17.32 -16.03 -3.81
C ALA B 281 17.93 -14.88 -3.01
N THR B 282 18.61 -15.23 -1.92
CA THR B 282 19.27 -14.25 -1.07
C THR B 282 20.41 -13.60 -1.84
N ARG B 283 21.15 -14.41 -2.58
CA ARG B 283 22.25 -13.91 -3.39
C ARG B 283 21.68 -13.00 -4.50
N ARG B 284 20.60 -13.43 -5.11
CA ARG B 284 19.98 -12.65 -6.18
C ARG B 284 19.52 -11.31 -5.62
N LEU B 285 18.90 -11.32 -4.43
CA LEU B 285 18.43 -10.10 -3.77
C LEU B 285 19.58 -9.17 -3.43
N SER B 286 20.64 -9.72 -2.84
CA SER B 286 21.79 -8.90 -2.48
C SER B 286 22.35 -8.26 -3.74
N GLY B 287 22.35 -9.01 -4.83
CA GLY B 287 22.84 -8.48 -6.10
C GLY B 287 22.00 -7.31 -6.59
N PHE B 288 20.68 -7.41 -6.49
CA PHE B 288 19.81 -6.32 -6.93
C PHE B 288 20.05 -5.06 -6.11
N LEU B 289 20.15 -5.24 -4.78
CA LEU B 289 20.39 -4.13 -3.88
C LEU B 289 21.69 -3.39 -4.20
N ARG B 290 22.78 -4.11 -4.40
CA ARG B 290 24.05 -3.46 -4.70
C ARG B 290 23.99 -2.75 -6.03
N THR B 291 23.31 -3.37 -7.00
CA THR B 291 23.15 -2.75 -8.31
C THR B 291 22.38 -1.45 -8.11
N LEU B 292 21.25 -1.54 -7.42
CA LEU B 292 20.43 -0.36 -7.16
C LEU B 292 21.28 0.73 -6.50
N ALA B 293 22.10 0.33 -5.52
CA ALA B 293 22.96 1.28 -4.82
C ALA B 293 23.84 2.02 -5.83
N ASP B 294 24.49 1.27 -6.71
CA ASP B 294 25.36 1.90 -7.71
C ASP B 294 24.55 2.80 -8.62
N ARG B 295 23.40 2.30 -9.07
CA ARG B 295 22.55 3.10 -9.95
C ARG B 295 22.19 4.43 -9.28
N LEU B 296 22.06 4.42 -7.96
CA LEU B 296 21.71 5.62 -7.21
C LEU B 296 22.80 6.68 -7.17
N GLU B 297 23.95 6.36 -6.64
CA GLU B 297 25.01 7.34 -6.56
C GLU B 297 25.56 7.70 -7.93
N GLY B 298 25.17 6.96 -8.95
CA GLY B 298 25.73 7.19 -10.27
C GLY B 298 25.41 8.31 -11.22
N THR B 299 24.17 8.44 -11.62
CA THR B 299 23.78 9.59 -12.38
C THR B 299 22.56 10.13 -11.70
N LYS B 300 22.71 11.29 -11.12
CA LYS B 300 21.59 11.85 -10.39
C LYS B 300 20.49 12.14 -11.40
N GLU B 301 19.27 11.99 -10.94
CA GLU B 301 18.09 12.31 -11.75
C GLU B 301 16.86 12.32 -10.86
N LEU B 302 15.77 12.89 -11.36
CA LEU B 302 14.53 12.95 -10.60
C LEU B 302 13.80 11.63 -10.67
N LEU B 303 13.36 11.13 -9.51
CA LEU B 303 12.64 9.86 -9.43
C LEU B 303 11.25 10.08 -8.86
N SER B 304 10.30 9.23 -9.23
CA SER B 304 8.95 9.39 -8.71
C SER B 304 8.97 9.19 -7.20
N SER B 305 8.03 9.83 -6.51
CA SER B 305 7.96 9.75 -5.06
C SER B 305 6.53 9.86 -4.56
N ASP B 306 6.02 8.79 -3.96
CA ASP B 306 4.67 8.82 -3.41
C ASP B 306 4.61 9.74 -2.20
N MET B 307 5.72 9.90 -1.49
CA MET B 307 5.78 10.77 -0.32
C MET B 307 5.59 12.23 -0.75
N LYS B 308 6.21 12.62 -1.84
CA LYS B 308 6.05 13.98 -2.35
C LYS B 308 4.59 14.23 -2.70
N LYS B 309 4.00 13.27 -3.42
CA LYS B 309 2.62 13.38 -3.86
C LYS B 309 1.65 13.40 -2.68
N ASP B 310 1.90 12.54 -1.70
CA ASP B 310 1.05 12.48 -0.53
C ASP B 310 1.09 13.83 0.20
N PHE B 311 2.27 14.42 0.31
CA PHE B 311 2.41 15.71 0.98
C PHE B 311 1.67 16.84 0.28
N ILE B 312 2.01 17.08 -0.98
CA ILE B 312 1.41 18.16 -1.75
C ILE B 312 -0.11 18.02 -1.91
N MET B 313 -0.61 16.78 -1.94
CA MET B 313 -2.05 16.56 -2.10
C MET B 313 -2.87 16.77 -0.83
N HIS B 314 -2.28 16.56 0.34
CA HIS B 314 -3.04 16.70 1.58
C HIS B 314 -2.72 17.87 2.50
N ARG B 315 -1.75 18.69 2.14
CA ARG B 315 -1.36 19.83 2.98
C ARG B 315 -2.32 21.02 2.90
N LEU B 316 -2.18 21.93 3.85
CA LEU B 316 -3.05 23.11 3.87
C LEU B 316 -2.66 24.10 2.77
N PRO B 317 -3.63 24.87 2.26
CA PRO B 317 -3.34 25.83 1.20
C PRO B 317 -2.81 27.08 1.91
N PRO B 318 -2.13 27.99 1.19
CA PRO B 318 -1.60 29.21 1.81
C PRO B 318 -2.67 29.95 2.60
N TYR B 319 -2.28 30.55 3.73
CA TYR B 319 -3.22 31.29 4.55
C TYR B 319 -3.76 32.51 3.80
N SER B 320 -5.07 32.71 3.88
CA SER B 320 -5.73 33.83 3.23
C SER B 320 -6.62 34.57 4.21
N ALA B 321 -6.34 35.85 4.44
CA ALA B 321 -7.13 36.64 5.37
C ALA B 321 -8.61 36.56 4.99
N GLY B 322 -8.91 36.98 3.77
CA GLY B 322 -10.28 36.93 3.28
C GLY B 322 -10.45 35.81 2.29
N ASP B 323 -11.04 36.11 1.13
CA ASP B 323 -11.25 35.12 0.10
C ASP B 323 -9.92 34.74 -0.54
N GLY B 324 -9.82 33.49 -1.01
CA GLY B 324 -8.59 33.04 -1.63
C GLY B 324 -8.45 33.55 -3.04
N ALA B 325 -8.71 34.84 -3.24
CA ALA B 325 -8.63 35.46 -4.55
C ALA B 325 -7.22 35.38 -5.13
N GLU B 326 -6.23 35.79 -4.34
CA GLU B 326 -4.84 35.76 -4.77
C GLU B 326 -4.37 34.35 -5.11
N LEU B 327 -5.10 33.35 -4.62
CA LEU B 327 -4.75 31.95 -4.86
C LEU B 327 -5.35 31.38 -6.14
N SER B 328 -6.47 31.96 -6.58
CA SER B 328 -7.15 31.48 -7.79
C SER B 328 -6.87 32.33 -9.02
N THR B 329 -6.96 33.65 -8.88
CA THR B 329 -6.72 34.56 -9.99
C THR B 329 -5.38 35.29 -9.89
N PRO B 330 -4.53 35.14 -10.91
CA PRO B 330 -3.22 35.80 -10.91
C PRO B 330 -3.38 37.33 -10.92
N GLY B 331 -2.38 38.03 -10.43
CA GLY B 331 -2.46 39.48 -10.40
C GLY B 331 -1.27 40.19 -11.02
N GLY B 332 -1.30 41.52 -10.99
CA GLY B 332 -0.21 42.30 -11.54
C GLY B 332 -0.21 42.30 -13.06
N LYS B 333 0.96 42.53 -13.65
CA LYS B 333 1.09 42.55 -15.10
C LYS B 333 1.56 41.19 -15.61
N LEU B 334 1.23 40.90 -16.87
CA LEU B 334 1.63 39.63 -17.49
C LEU B 334 3.13 39.68 -17.78
N PRO B 335 3.85 38.60 -17.42
CA PRO B 335 5.29 38.51 -17.64
C PRO B 335 5.70 38.46 -19.11
N ARG B 336 6.51 39.43 -19.53
CA ARG B 336 6.98 39.49 -20.91
C ARG B 336 8.43 39.02 -20.97
N LEU B 337 8.95 38.82 -22.17
CA LEU B 337 10.32 38.36 -22.34
C LEU B 337 11.37 39.34 -21.81
N ASP B 338 10.98 40.59 -21.62
CA ASP B 338 11.91 41.61 -21.14
C ASP B 338 11.86 41.84 -19.63
N SER B 339 10.81 41.35 -18.98
CA SER B 339 10.66 41.53 -17.54
C SER B 339 11.42 40.50 -16.71
N VAL B 340 11.52 40.78 -15.42
CA VAL B 340 12.18 39.89 -14.47
C VAL B 340 11.12 39.37 -13.52
N VAL B 341 11.20 38.07 -13.21
CA VAL B 341 10.23 37.45 -12.33
C VAL B 341 10.79 36.76 -11.09
N ARG B 342 9.92 36.55 -10.11
CA ARG B 342 10.26 35.90 -8.86
C ARG B 342 9.20 34.86 -8.54
N LEU B 343 9.63 33.64 -8.24
CA LEU B 343 8.69 32.57 -7.92
C LEU B 343 7.96 32.96 -6.63
N GLN B 344 6.70 32.54 -6.51
CA GLN B 344 5.88 32.84 -5.34
C GLN B 344 5.31 31.54 -4.76
N PHE B 345 5.03 31.53 -3.45
CA PHE B 345 4.50 30.34 -2.80
C PHE B 345 5.44 29.17 -3.06
N LYS B 346 6.73 29.46 -3.02
CA LYS B 346 7.76 28.45 -3.26
C LYS B 346 7.61 27.19 -2.39
N ASP B 347 7.32 27.39 -1.11
CA ASP B 347 7.17 26.25 -0.19
C ASP B 347 5.88 25.47 -0.38
N HIS B 348 5.11 25.84 -1.39
CA HIS B 348 3.86 25.17 -1.68
C HIS B 348 3.96 24.50 -3.04
N ILE B 349 5.20 24.32 -3.52
CA ILE B 349 5.44 23.71 -4.83
C ILE B 349 6.40 22.52 -4.74
N VAL B 350 6.15 21.50 -5.56
CA VAL B 350 7.00 20.32 -5.60
C VAL B 350 7.21 19.91 -7.06
N LEU B 351 8.43 19.47 -7.38
CA LEU B 351 8.75 19.06 -8.72
C LEU B 351 9.05 17.56 -8.70
N THR B 352 8.44 16.83 -9.62
CA THR B 352 8.66 15.38 -9.68
C THR B 352 8.45 14.83 -11.08
N VAL B 353 8.40 13.51 -11.19
CA VAL B 353 8.19 12.84 -12.47
C VAL B 353 7.09 11.80 -12.30
N LEU B 354 6.52 11.36 -13.42
CA LEU B 354 5.45 10.36 -13.40
C LEU B 354 6.02 8.95 -13.59
N PRO B 355 5.34 7.97 -13.03
CA PRO B 355 5.76 6.58 -13.15
C PRO B 355 5.77 6.12 -14.60
N GLN B 364 7.13 13.46 -27.95
CA GLN B 364 7.35 12.10 -27.50
C GLN B 364 8.54 12.04 -26.52
N GLU B 365 8.82 13.18 -25.90
CA GLU B 365 9.93 13.28 -24.94
C GLU B 365 9.48 13.11 -23.49
N LYS B 366 10.44 12.87 -22.60
CA LYS B 366 10.15 12.70 -21.18
C LYS B 366 9.60 14.02 -20.64
N MET B 367 8.81 13.94 -19.57
CA MET B 367 8.21 15.13 -18.99
C MET B 367 8.44 15.30 -17.48
N VAL B 368 8.49 16.56 -17.06
CA VAL B 368 8.67 16.92 -15.66
C VAL B 368 7.36 17.51 -15.19
N TYR B 369 6.89 17.08 -14.03
CA TYR B 369 5.62 17.57 -13.49
C TYR B 369 5.78 18.49 -12.28
N ILE B 370 4.96 19.53 -12.24
CA ILE B 370 4.98 20.48 -11.14
C ILE B 370 3.62 20.46 -10.45
N TYR B 371 3.62 20.19 -9.15
CA TYR B 371 2.38 20.17 -8.36
C TYR B 371 2.45 21.25 -7.28
N HIS B 372 1.30 21.81 -6.93
CA HIS B 372 1.24 22.85 -5.91
C HIS B 372 -0.04 22.68 -5.10
N SER B 373 -0.06 23.29 -3.92
CA SER B 373 -1.21 23.19 -3.01
C SER B 373 -1.98 24.50 -2.83
N LEU B 374 -1.87 25.41 -3.79
CA LEU B 374 -2.57 26.69 -3.69
C LEU B 374 -4.09 26.54 -3.72
N LYS B 375 -4.57 25.46 -4.33
CA LYS B 375 -6.01 25.22 -4.42
C LYS B 375 -6.49 24.07 -3.54
N ASN B 376 -5.70 23.72 -2.53
CA ASN B 376 -6.07 22.64 -1.62
C ASN B 376 -7.16 23.12 -0.67
N SER B 377 -7.99 22.19 -0.23
CA SER B 377 -9.08 22.49 0.67
C SER B 377 -8.67 22.50 2.15
N ARG B 378 -8.89 23.63 2.81
CA ARG B 378 -8.57 23.76 4.22
C ARG B 378 -9.57 22.97 5.08
N GLU B 379 -10.82 22.94 4.62
CA GLU B 379 -11.90 22.25 5.32
C GLU B 379 -11.72 20.73 5.44
N THR B 380 -10.94 20.16 4.54
CA THR B 380 -10.72 18.72 4.57
C THR B 380 -9.33 18.33 5.08
N HIS B 381 -8.54 19.31 5.49
CA HIS B 381 -7.18 19.03 5.97
C HIS B 381 -7.12 17.92 6.99
N MET B 382 -6.28 16.92 6.71
CA MET B 382 -6.09 15.78 7.59
C MET B 382 -7.36 14.97 7.86
N MET B 383 -8.41 15.19 7.06
CA MET B 383 -9.67 14.47 7.24
C MET B 383 -9.84 13.38 6.19
N THR B 389 -6.33 9.82 -10.06
CA THR B 389 -6.48 10.68 -11.25
C THR B 389 -7.36 11.88 -10.92
N GLU B 390 -7.33 12.30 -9.66
CA GLU B 390 -8.13 13.45 -9.24
C GLU B 390 -7.27 14.67 -8.89
N PHE B 391 -5.95 14.50 -8.96
CA PHE B 391 -5.03 15.60 -8.67
C PHE B 391 -4.07 15.80 -9.83
N HIS B 392 -4.27 16.88 -10.57
CA HIS B 392 -3.44 17.19 -11.73
C HIS B 392 -2.49 18.33 -11.42
N GLY B 393 -1.58 18.60 -12.35
CA GLY B 393 -0.63 19.67 -12.17
C GLY B 393 -0.20 20.26 -13.50
N LEU B 394 1.03 20.77 -13.54
CA LEU B 394 1.57 21.37 -14.76
C LEU B 394 2.63 20.44 -15.36
N ARG B 395 2.47 20.13 -16.64
CA ARG B 395 3.40 19.27 -17.35
C ARG B 395 4.41 20.09 -18.15
N PHE B 396 5.65 19.63 -18.20
CA PHE B 396 6.72 20.32 -18.93
C PHE B 396 7.72 19.33 -19.49
N PRO B 397 8.26 19.59 -20.68
CA PRO B 397 9.24 18.69 -21.29
C PRO B 397 10.49 18.65 -20.43
N LEU B 398 11.09 17.48 -20.31
CA LEU B 398 12.30 17.32 -19.50
C LEU B 398 13.35 18.36 -19.89
N SER B 399 13.28 18.85 -21.11
CA SER B 399 14.23 19.84 -21.61
C SER B 399 14.15 21.17 -20.87
N HIS B 400 13.07 21.36 -20.11
CA HIS B 400 12.87 22.59 -19.37
C HIS B 400 13.34 22.53 -17.92
N LEU B 401 13.73 21.34 -17.48
CA LEU B 401 14.17 21.14 -16.11
C LEU B 401 15.22 22.14 -15.62
N ASP B 402 16.26 22.34 -16.41
CA ASP B 402 17.31 23.28 -16.03
C ASP B 402 16.78 24.69 -15.89
N ALA B 403 15.76 25.02 -16.67
CA ALA B 403 15.15 26.34 -16.62
C ALA B 403 14.34 26.47 -15.34
N LEU B 404 13.64 25.40 -14.98
CA LEU B 404 12.83 25.38 -13.76
C LEU B 404 13.73 25.53 -12.54
N LYS B 405 14.92 24.92 -12.59
CA LYS B 405 15.88 25.02 -11.50
C LYS B 405 16.34 26.46 -11.35
N GLN B 406 16.57 27.14 -12.48
CA GLN B 406 17.00 28.54 -12.45
C GLN B 406 16.00 29.40 -11.69
N ILE B 407 14.73 29.23 -12.01
CA ILE B 407 13.66 29.98 -11.38
C ILE B 407 13.52 29.63 -9.89
N TRP B 408 13.61 28.34 -9.60
CA TRP B 408 13.48 27.88 -8.23
C TRP B 408 14.57 28.39 -7.33
N ASN B 409 15.80 28.42 -7.82
CA ASN B 409 16.94 28.88 -7.04
C ASN B 409 17.20 30.39 -7.06
N SER B 410 16.60 31.10 -8.00
CA SER B 410 16.81 32.53 -8.11
C SER B 410 15.85 33.43 -7.31
N PRO B 411 16.38 34.52 -6.74
CA PRO B 411 15.59 35.49 -5.97
C PRO B 411 14.79 36.34 -6.95
N ALA B 412 15.39 36.57 -8.11
CA ALA B 412 14.80 37.36 -9.18
C ALA B 412 15.60 37.06 -10.45
N ILE B 413 14.92 36.53 -11.46
CA ILE B 413 15.59 36.18 -12.70
C ILE B 413 14.86 36.74 -13.92
N SER B 414 15.63 37.11 -14.94
CA SER B 414 15.05 37.65 -16.17
C SER B 414 14.67 36.50 -17.08
N VAL B 415 13.51 36.60 -17.69
CA VAL B 415 13.01 35.56 -18.59
C VAL B 415 14.04 35.19 -19.66
N LYS B 416 14.75 36.19 -20.17
CA LYS B 416 15.75 35.96 -21.21
C LYS B 416 16.88 35.03 -20.79
N ASP B 417 17.25 35.05 -19.52
CA ASP B 417 18.33 34.20 -19.03
C ASP B 417 17.97 32.73 -18.87
N LEU B 418 16.71 32.38 -19.09
CA LEU B 418 16.28 30.98 -18.96
C LEU B 418 17.00 30.14 -20.00
N LYS B 419 17.46 28.96 -19.57
CA LYS B 419 18.17 28.06 -20.47
C LYS B 419 17.24 27.28 -21.39
N LEU B 420 16.71 27.96 -22.40
CA LEU B 420 15.83 27.34 -23.39
C LEU B 420 16.27 27.75 -24.80
N THR B 421 16.22 26.80 -25.73
CA THR B 421 16.63 27.04 -27.11
C THR B 421 15.95 28.22 -27.80
N THR B 422 14.67 28.45 -27.51
CA THR B 422 13.96 29.56 -28.14
C THR B 422 13.38 30.51 -27.11
N ASP B 423 13.19 31.77 -27.51
CA ASP B 423 12.64 32.78 -26.63
C ASP B 423 11.14 32.60 -26.44
N GLU B 424 10.51 31.89 -27.37
CA GLU B 424 9.08 31.65 -27.31
C GLU B 424 8.72 30.77 -26.10
N GLU B 425 9.46 29.69 -25.92
CA GLU B 425 9.20 28.78 -24.81
C GLU B 425 9.59 29.36 -23.46
N LYS B 426 10.31 30.48 -23.47
CA LYS B 426 10.71 31.15 -22.24
C LYS B 426 9.51 31.93 -21.75
N GLU B 427 8.84 32.59 -22.68
CA GLU B 427 7.66 33.38 -22.38
C GLU B 427 6.49 32.41 -22.14
N SER B 428 6.60 31.23 -22.73
CA SER B 428 5.59 30.20 -22.60
C SER B 428 5.69 29.54 -21.20
N LEU B 429 6.92 29.25 -20.80
CA LEU B 429 7.18 28.64 -19.49
C LEU B 429 6.70 29.54 -18.36
N VAL B 430 7.10 30.81 -18.42
CA VAL B 430 6.71 31.76 -17.39
C VAL B 430 5.21 32.01 -17.37
N LEU B 431 4.62 32.23 -18.54
CA LEU B 431 3.18 32.47 -18.64
C LEU B 431 2.41 31.32 -18.00
N SER B 432 2.83 30.10 -18.33
CA SER B 432 2.20 28.92 -17.79
C SER B 432 2.22 28.93 -16.25
N LEU B 433 3.36 29.31 -15.67
CA LEU B 433 3.51 29.36 -14.22
C LEU B 433 2.78 30.56 -13.62
N TRP B 434 2.71 31.64 -14.38
CA TRP B 434 1.99 32.83 -13.96
C TRP B 434 0.51 32.64 -13.82
N THR B 435 -0.08 31.89 -14.76
CA THR B 435 -1.52 31.62 -14.71
C THR B 435 -1.93 30.87 -13.46
N GLU B 436 -1.01 30.08 -12.91
CA GLU B 436 -1.29 29.32 -11.70
C GLU B 436 -0.95 30.10 -10.43
N CYS B 437 -0.59 31.38 -10.61
CA CYS B 437 -0.24 32.25 -9.49
C CYS B 437 1.06 31.85 -8.79
N LEU B 438 1.99 31.27 -9.55
CA LEU B 438 3.28 30.82 -9.02
C LEU B 438 4.42 31.75 -9.36
N ILE B 439 4.17 32.70 -10.26
CA ILE B 439 5.20 33.64 -10.69
C ILE B 439 4.74 35.09 -10.58
N GLN B 440 5.59 35.93 -9.98
CA GLN B 440 5.29 37.35 -9.83
C GLN B 440 6.37 38.15 -10.54
N VAL B 441 5.95 39.17 -11.29
CA VAL B 441 6.88 40.01 -12.02
C VAL B 441 7.58 40.99 -11.09
N VAL B 442 8.82 40.67 -10.71
CA VAL B 442 9.59 41.52 -9.82
C VAL B 442 9.94 42.84 -10.49
N GLY C 5 -6.91 -0.65 -15.13
CA GLY C 5 -8.00 -1.06 -16.05
C GLY C 5 -7.58 -2.21 -16.97
N CYS C 6 -7.70 -3.43 -16.47
CA CYS C 6 -7.33 -4.61 -17.25
C CYS C 6 -8.53 -5.21 -17.97
N LEU C 7 -8.30 -5.85 -19.11
CA LEU C 7 -9.39 -6.46 -19.85
C LEU C 7 -9.67 -7.81 -19.20
N HIS C 8 -8.61 -8.58 -18.92
CA HIS C 8 -8.75 -9.85 -18.25
C HIS C 8 -8.77 -9.51 -16.76
N HIS C 9 -9.73 -10.02 -16.00
CA HIS C 9 -9.85 -9.70 -14.58
C HIS C 9 -9.36 -10.84 -13.72
N HIS C 10 -8.08 -10.84 -13.45
CA HIS C 10 -7.44 -11.89 -12.67
C HIS C 10 -7.97 -11.95 -11.25
N ARG C 11 -8.12 -10.78 -10.66
CA ARG C 11 -8.56 -10.71 -9.28
C ARG C 11 -9.50 -9.52 -9.17
N ILE C 12 -10.76 -9.82 -8.85
CA ILE C 12 -11.82 -8.81 -8.73
C ILE C 12 -11.59 -7.89 -7.53
N ASN C 13 -11.67 -6.60 -7.78
CA ASN C 13 -11.47 -5.60 -6.74
C ASN C 13 -12.77 -5.33 -5.99
N GLY D 5 -4.34 1.97 15.90
CA GLY D 5 -5.17 2.97 16.63
C GLY D 5 -4.34 3.87 17.52
N CYS D 6 -4.32 5.16 17.20
CA CYS D 6 -3.55 6.11 18.00
C CYS D 6 -4.46 6.96 18.87
N LEU D 7 -3.99 7.33 20.05
CA LEU D 7 -4.78 8.16 20.94
C LEU D 7 -4.82 9.59 20.40
N HIS D 8 -3.75 9.97 19.70
CA HIS D 8 -3.67 11.29 19.09
C HIS D 8 -4.00 11.06 17.63
N HIS D 9 -5.10 11.64 17.16
CA HIS D 9 -5.50 11.45 15.77
C HIS D 9 -4.88 12.49 14.87
N HIS D 10 -3.63 12.25 14.51
CA HIS D 10 -2.85 13.13 13.65
C HIS D 10 -3.48 13.26 12.27
N ARG D 11 -3.96 12.15 11.74
CA ARG D 11 -4.55 12.16 10.42
C ARG D 11 -5.74 11.22 10.36
N ILE D 12 -6.92 11.80 10.13
CA ILE D 12 -8.16 11.03 10.06
C ILE D 12 -8.43 10.57 8.63
MN MN E . -6.48 -10.77 -22.77
C1 AKG F . -7.72 -13.43 -23.05
O1 AKG F . -8.05 -14.63 -22.99
O2 AKG F . -6.86 -12.90 -22.31
C2 AKG F . -8.38 -12.54 -24.11
O5 AKG F . -8.02 -11.38 -24.24
C3 AKG F . -9.47 -13.11 -25.01
C4 AKG F . -9.76 -12.12 -26.14
C5 AKG F . -10.94 -12.58 -27.01
O3 AKG F . -11.16 -13.82 -27.05
O4 AKG F . -11.59 -11.70 -27.59
MN MN G . -0.53 11.66 23.40
C1 AKG H . -1.16 14.60 23.76
O1 AKG H . -1.28 15.84 23.67
O2 AKG H . -0.49 13.90 22.96
C2 AKG H . -1.87 13.88 24.91
O5 AKG H . -1.74 12.67 25.06
C3 AKG H . -2.73 14.68 25.89
C4 AKG H . -3.23 13.78 27.01
C5 AKG H . -4.19 14.53 27.95
O3 AKG H . -3.89 15.69 28.26
O4 AKG H . -5.22 13.91 28.31
#